data_9L54
#
_entry.id   9L54
#
_cell.length_a   1.00
_cell.length_b   1.00
_cell.length_c   1.00
_cell.angle_alpha   90.00
_cell.angle_beta   90.00
_cell.angle_gamma   90.00
#
_symmetry.space_group_name_H-M   'P 1'
#
loop_
_entity.id
_entity.type
_entity.pdbx_description
1 polymer 'Vitamin K-dependent gamma-carboxylase'
2 polymer 'Vitamin K-dependent protein S'
3 branched 2-acetamido-2-deoxy-beta-D-glucopyranose-(1-4)-2-acetamido-2-deoxy-beta-D-glucopyranose
4 non-polymer 2-acetamido-2-deoxy-beta-D-glucopyranose
5 non-polymer (1~{a}~{R},7~{a}~{S})-7~{a}-methyl-1~{a}-[(~{E},7~{R},11~{R})-3,7,11,15-tetramethylhexadec-2-enyl]naphtho[2,3-b]oxirene-2,7-dione
6 non-polymer CHOLESTEROL
7 non-polymer 1,2-dioleoyl-sn-glycero-3-phosphoethanolamine
8 non-polymer 'CHOLESTEROL HEMISUCCINATE'
9 non-polymer 'BICARBONATE ION'
#
loop_
_entity_poly.entity_id
_entity_poly.type
_entity_poly.pdbx_seq_one_letter_code
_entity_poly.pdbx_strand_id
1 'polypeptide(L)'
;SRIGKLLGFEWTDLSSWRRLVTLLNRPTDPASLAVFRFLFGFLMVLDIPQERGLSSLDRKYLDGLDVCRFPLLDALRPLP
LDWMYLVYTIMFLGALGMMLGLCYRISCVLFLLPYWYVFLLDKTSWNNHSYLYGLLAFQLTFMDANHYWSVDGLLNAHRR
NAHVPLWNYAVLRGQIFIVYFIAGVKKLDADWVEGYSMEYLSRHWLFSPFKLLLSEELTSLLVVHWGGLLLDLSAGFLLF
FDVSRSIGLFFVSYFHCMNSQLFSIGMFSYVMLASSPLFCSPEWPRKLVSYCPRRLQQLLPLKAAPQPSVSCVYKRSRGK
SGQKPGLRHQLGAAFTLLYLLEQLFLPYSHFLTQGYNNWTNGLYGYSWDMMVHSRSHQHVKITYRDGRTGELGYLNPGVF
TQSRRWKDHADMLKQYATCLSRLLPKYNVTEPQIYFDIWVSINDRFQQRIFDPRVDIVQAAWSPFQRTSWVQPLLMDLSP
WRAKLQEIKSSLDNHTEVVFIADFPGLHLENFVSEDLGNTSIQLLQGEVTVELVAEQKNQTLREGEKMQLPAGEYHKVYT
TSPSPSCYMYVYVNTTELALEQDLAYLQELKEKVENGSETGPLPPELQPLLEGEVKGGPEPTPLVQTFLRRQQRLQEIER
RRNTPFHERFFRFLLRKLYVFRRSFLMTCISLRNLILGRPSLEQLAQEVTYANLRPFE
;
A
2 'polypeptide(L)' ANFLSKQQASQVLVRKRRANSALEEEV B
#
# COMPACT_ATOMS: atom_id res chain seq x y z
N SER A 1 -36.95 -26.61 -13.00
CA SER A 1 -36.42 -25.48 -12.25
C SER A 1 -34.89 -25.51 -12.23
N ARG A 2 -34.29 -25.59 -13.41
CA ARG A 2 -32.83 -25.60 -13.49
C ARG A 2 -32.25 -24.27 -13.02
N ILE A 3 -32.87 -23.16 -13.43
CA ILE A 3 -32.40 -21.86 -12.98
C ILE A 3 -32.60 -21.70 -11.47
N GLY A 4 -33.69 -22.25 -10.93
CA GLY A 4 -33.89 -22.23 -9.50
C GLY A 4 -32.79 -22.95 -8.72
N LYS A 5 -32.26 -24.03 -9.28
CA LYS A 5 -31.12 -24.70 -8.67
C LYS A 5 -29.82 -23.96 -8.90
N LEU A 6 -29.66 -23.28 -10.04
CA LEU A 6 -28.42 -22.59 -10.33
C LEU A 6 -28.25 -21.34 -9.49
N LEU A 7 -29.32 -20.53 -9.38
CA LEU A 7 -29.22 -19.24 -8.72
C LEU A 7 -29.83 -19.21 -7.32
N GLY A 8 -30.63 -20.19 -6.95
CA GLY A 8 -31.27 -20.22 -5.65
C GLY A 8 -32.62 -19.53 -5.58
N PHE A 9 -33.07 -18.90 -6.67
CA PHE A 9 -34.38 -18.26 -6.71
C PHE A 9 -34.95 -18.39 -8.11
N GLU A 10 -36.10 -17.76 -8.33
CA GLU A 10 -36.81 -17.82 -9.60
C GLU A 10 -37.02 -16.41 -10.14
N TRP A 11 -37.33 -16.33 -11.44
CA TRP A 11 -37.53 -15.04 -12.07
C TRP A 11 -38.74 -14.31 -11.51
N THR A 12 -39.76 -15.05 -11.06
CA THR A 12 -40.98 -14.42 -10.57
C THR A 12 -40.76 -13.68 -9.26
N ASP A 13 -39.69 -13.99 -8.52
CA ASP A 13 -39.44 -13.32 -7.25
C ASP A 13 -38.98 -11.87 -7.43
N LEU A 14 -38.55 -11.51 -8.63
CA LEU A 14 -38.07 -10.16 -8.90
C LEU A 14 -39.09 -9.32 -9.67
N SER A 15 -40.34 -9.76 -9.74
CA SER A 15 -41.36 -9.05 -10.50
C SER A 15 -42.09 -7.97 -9.71
N SER A 16 -41.79 -7.82 -8.42
CA SER A 16 -42.43 -6.79 -7.61
C SER A 16 -41.55 -6.47 -6.42
N TRP A 17 -41.77 -5.27 -5.87
CA TRP A 17 -41.02 -4.84 -4.70
C TRP A 17 -41.32 -5.72 -3.49
N ARG A 18 -42.58 -6.10 -3.30
CA ARG A 18 -42.96 -6.95 -2.18
C ARG A 18 -42.29 -8.32 -2.28
N ARG A 19 -42.28 -8.91 -3.48
CA ARG A 19 -41.66 -10.21 -3.66
C ARG A 19 -40.15 -10.14 -3.41
N LEU A 20 -39.50 -9.09 -3.88
CA LEU A 20 -38.07 -8.94 -3.64
C LEU A 20 -37.77 -8.76 -2.16
N VAL A 21 -38.59 -7.97 -1.46
CA VAL A 21 -38.38 -7.78 -0.02
C VAL A 21 -38.56 -9.09 0.71
N THR A 22 -39.56 -9.88 0.33
CA THR A 22 -39.74 -11.19 0.94
C THR A 22 -38.57 -12.11 0.66
N LEU A 23 -38.05 -12.10 -0.57
CA LEU A 23 -36.94 -12.98 -0.92
C LEU A 23 -35.67 -12.60 -0.18
N LEU A 24 -35.42 -11.31 -0.01
CA LEU A 24 -34.17 -10.86 0.60
C LEU A 24 -34.16 -11.01 2.12
N ASN A 25 -35.29 -11.36 2.74
CA ASN A 25 -35.37 -11.59 4.16
C ASN A 25 -35.65 -13.05 4.49
N ARG A 26 -35.26 -13.95 3.59
CA ARG A 26 -35.49 -15.37 3.79
C ARG A 26 -34.65 -15.90 4.94
N PRO A 27 -35.21 -16.76 5.79
CA PRO A 27 -34.43 -17.32 6.90
C PRO A 27 -33.23 -18.13 6.41
N THR A 28 -32.13 -18.06 7.16
CA THR A 28 -30.89 -18.71 6.78
C THR A 28 -30.13 -19.10 8.03
N ASP A 29 -29.28 -20.12 7.90
CA ASP A 29 -28.47 -20.58 9.03
C ASP A 29 -27.37 -19.57 9.35
N PRO A 30 -27.12 -19.27 10.62
CA PRO A 30 -26.15 -18.24 10.99
C PRO A 30 -24.73 -18.70 11.27
N ALA A 31 -24.35 -19.94 10.96
CA ALA A 31 -23.07 -20.47 11.44
C ALA A 31 -21.88 -19.84 10.71
N SER A 32 -21.96 -19.74 9.38
CA SER A 32 -20.85 -19.20 8.61
C SER A 32 -20.58 -17.74 8.98
N LEU A 33 -21.65 -16.97 9.20
CA LEU A 33 -21.50 -15.58 9.61
C LEU A 33 -20.76 -15.46 10.93
N ALA A 34 -21.09 -16.34 11.88
CA ALA A 34 -20.42 -16.33 13.17
C ALA A 34 -18.94 -16.67 13.03
N VAL A 35 -18.62 -17.69 12.22
CA VAL A 35 -17.21 -18.05 12.04
C VAL A 35 -16.44 -16.90 11.41
N PHE A 36 -17.01 -16.26 10.39
CA PHE A 36 -16.34 -15.13 9.76
C PHE A 36 -16.17 -13.97 10.73
N ARG A 37 -17.17 -13.70 11.56
CA ARG A 37 -17.06 -12.62 12.53
C ARG A 37 -15.93 -12.88 13.53
N PHE A 38 -15.85 -14.12 14.03
CA PHE A 38 -14.78 -14.46 14.98
C PHE A 38 -13.41 -14.29 14.33
N LEU A 39 -13.25 -14.80 13.11
CA LEU A 39 -11.95 -14.71 12.43
C LEU A 39 -11.57 -13.26 12.14
N PHE A 40 -12.53 -12.45 11.68
CA PHE A 40 -12.24 -11.05 11.38
C PHE A 40 -11.85 -10.29 12.64
N GLY A 41 -12.57 -10.52 13.75
CA GLY A 41 -12.21 -9.86 15.00
C GLY A 41 -10.84 -10.26 15.50
N PHE A 42 -10.51 -11.55 15.41
CA PHE A 42 -9.19 -12.01 15.84
C PHE A 42 -8.08 -11.38 14.99
N LEU A 43 -8.29 -11.33 13.67
CA LEU A 43 -7.27 -10.75 12.80
C LEU A 43 -7.11 -9.26 13.05
N MET A 44 -8.21 -8.55 13.29
CA MET A 44 -8.11 -7.13 13.59
C MET A 44 -7.39 -6.89 14.91
N VAL A 45 -7.64 -7.73 15.92
CA VAL A 45 -6.94 -7.60 17.19
C VAL A 45 -5.45 -7.82 17.00
N LEU A 46 -5.07 -8.82 16.19
CA LEU A 46 -3.65 -9.04 15.92
C LEU A 46 -3.05 -7.91 15.10
N ASP A 47 -3.85 -7.25 14.25
CA ASP A 47 -3.31 -6.26 13.34
C ASP A 47 -3.19 -4.87 13.97
N ILE A 48 -3.98 -4.57 14.99
CA ILE A 48 -4.00 -3.21 15.55
C ILE A 48 -2.62 -2.76 16.01
N PRO A 49 -1.85 -3.52 16.80
CA PRO A 49 -0.55 -3.02 17.26
C PRO A 49 0.55 -3.01 16.21
N GLN A 50 0.39 -3.73 15.10
CA GLN A 50 1.49 -3.87 14.15
C GLN A 50 1.44 -2.85 13.02
N GLU A 51 0.37 -2.85 12.23
CA GLU A 51 0.30 -2.00 11.06
C GLU A 51 -0.34 -0.65 11.33
N ARG A 52 -1.32 -0.58 12.23
CA ARG A 52 -1.97 0.69 12.52
C ARG A 52 -1.04 1.66 13.24
N GLY A 53 0.03 1.16 13.87
CA GLY A 53 1.03 2.02 14.44
C GLY A 53 0.82 2.38 15.90
N LEU A 54 0.40 1.42 16.71
CA LEU A 54 0.28 1.67 18.15
C LEU A 54 1.65 1.68 18.84
N SER A 55 2.63 0.97 18.29
CA SER A 55 3.96 0.90 18.87
C SER A 55 4.90 2.00 18.37
N SER A 56 4.40 2.91 17.53
CA SER A 56 5.18 4.04 17.06
C SER A 56 4.46 5.37 17.29
N LEU A 57 3.45 5.37 18.16
CA LEU A 57 2.66 6.58 18.39
C LEU A 57 3.48 7.65 19.06
N ASP A 58 4.37 7.27 19.99
CA ASP A 58 5.19 8.26 20.68
C ASP A 58 6.15 8.95 19.71
N ARG A 59 6.67 8.21 18.75
CA ARG A 59 7.56 8.80 17.74
C ARG A 59 6.77 9.65 16.76
N LYS A 60 5.60 9.18 16.32
CA LYS A 60 4.86 9.89 15.27
C LYS A 60 4.21 11.16 15.80
N TYR A 61 3.62 11.12 16.99
CA TYR A 61 2.85 12.22 17.54
C TYR A 61 3.52 12.86 18.74
N LEU A 62 4.85 12.95 18.72
CA LEU A 62 5.58 13.54 19.83
C LEU A 62 5.17 15.00 20.00
N ASP A 63 4.86 15.37 21.24
CA ASP A 63 4.33 16.70 21.51
C ASP A 63 5.39 17.77 21.30
N GLY A 64 4.99 18.87 20.65
CA GLY A 64 5.92 19.95 20.36
C GLY A 64 6.94 19.59 19.30
N LEU A 65 6.47 19.35 18.08
CA LEU A 65 7.34 19.00 16.97
C LEU A 65 6.89 19.76 15.73
N ASP A 66 7.84 20.00 14.83
CA ASP A 66 7.58 20.68 13.56
C ASP A 66 7.48 19.62 12.47
N VAL A 67 6.25 19.20 12.17
CA VAL A 67 5.98 18.19 11.17
C VAL A 67 4.88 18.68 10.25
N CYS A 68 5.00 18.37 8.97
CA CYS A 68 3.94 18.62 8.00
C CYS A 68 3.08 17.36 7.89
N ARG A 69 1.77 17.53 8.05
CA ARG A 69 0.83 16.44 8.01
C ARG A 69 -0.07 16.57 6.79
N PHE A 70 -0.58 15.44 6.31
CA PHE A 70 -1.35 15.38 5.06
C PHE A 70 -2.71 14.75 5.32
N PRO A 71 -3.64 15.50 5.90
CA PRO A 71 -4.99 14.98 6.09
C PRO A 71 -5.88 15.22 4.88
N LEU A 72 -6.97 14.45 4.82
CA LEU A 72 -7.95 14.66 3.75
C LEU A 72 -8.59 16.04 3.86
N LEU A 73 -8.86 16.49 5.08
CA LEU A 73 -9.38 17.82 5.33
C LEU A 73 -8.46 18.51 6.32
N ASP A 74 -8.13 19.78 6.06
CA ASP A 74 -7.28 20.53 6.97
C ASP A 74 -7.98 20.91 8.26
N ALA A 75 -9.32 20.80 8.32
CA ALA A 75 -10.03 21.04 9.56
C ALA A 75 -9.84 19.92 10.56
N LEU A 76 -9.36 18.75 10.12
CA LEU A 76 -9.11 17.63 11.00
C LEU A 76 -7.70 17.72 11.57
N ARG A 77 -7.59 17.73 12.89
CA ARG A 77 -6.31 17.84 13.56
C ARG A 77 -6.16 16.74 14.59
N PRO A 78 -4.95 16.29 14.86
CA PRO A 78 -4.74 15.29 15.91
C PRO A 78 -4.75 15.92 17.30
N LEU A 79 -4.98 15.07 18.29
CA LEU A 79 -5.00 15.46 19.69
C LEU A 79 -3.63 15.16 20.31
N PRO A 80 -3.43 15.57 21.57
CA PRO A 80 -2.19 15.19 22.27
C PRO A 80 -1.99 13.68 22.33
N LEU A 81 -0.80 13.30 22.80
CA LEU A 81 -0.39 11.89 22.73
C LEU A 81 -1.27 11.01 23.61
N ASP A 82 -1.61 11.48 24.82
CA ASP A 82 -2.42 10.67 25.72
C ASP A 82 -3.80 10.38 25.15
N TRP A 83 -4.39 11.37 24.47
CA TRP A 83 -5.70 11.15 23.87
C TRP A 83 -5.60 10.23 22.64
N MET A 84 -4.47 10.24 21.93
CA MET A 84 -4.22 9.23 20.91
C MET A 84 -4.20 7.84 21.52
N TYR A 85 -3.53 7.68 22.66
CA TYR A 85 -3.50 6.37 23.31
C TYR A 85 -4.89 5.95 23.76
N LEU A 86 -5.69 6.90 24.25
CA LEU A 86 -7.07 6.59 24.62
C LEU A 86 -7.88 6.14 23.41
N VAL A 87 -7.73 6.83 22.28
CA VAL A 87 -8.47 6.46 21.07
C VAL A 87 -8.09 5.06 20.62
N TYR A 88 -6.79 4.74 20.63
CA TYR A 88 -6.36 3.42 20.21
C TYR A 88 -6.83 2.34 21.19
N THR A 89 -6.87 2.66 22.49
CA THR A 89 -7.40 1.71 23.46
C THR A 89 -8.88 1.43 23.21
N ILE A 90 -9.65 2.47 22.90
CA ILE A 90 -11.07 2.29 22.60
C ILE A 90 -11.25 1.42 21.36
N MET A 91 -10.44 1.66 20.32
CA MET A 91 -10.55 0.84 19.11
C MET A 91 -10.21 -0.61 19.41
N PHE A 92 -9.18 -0.86 20.22
CA PHE A 92 -8.81 -2.22 20.58
C PHE A 92 -9.93 -2.91 21.36
N LEU A 93 -10.54 -2.20 22.30
CA LEU A 93 -11.65 -2.78 23.06
C LEU A 93 -12.83 -3.12 22.14
N GLY A 94 -13.13 -2.22 21.20
CA GLY A 94 -14.19 -2.51 20.24
C GLY A 94 -13.90 -3.74 19.41
N ALA A 95 -12.67 -3.89 18.93
CA ALA A 95 -12.31 -5.07 18.15
C ALA A 95 -12.43 -6.34 18.99
N LEU A 96 -12.00 -6.29 20.25
CA LEU A 96 -12.12 -7.47 21.11
C LEU A 96 -13.58 -7.84 21.35
N GLY A 97 -14.43 -6.84 21.59
CA GLY A 97 -15.85 -7.13 21.76
C GLY A 97 -16.49 -7.67 20.50
N MET A 98 -16.07 -7.17 19.34
CA MET A 98 -16.56 -7.72 18.08
C MET A 98 -16.15 -9.18 17.91
N MET A 99 -14.91 -9.51 18.28
CA MET A 99 -14.46 -10.88 18.15
C MET A 99 -15.22 -11.81 19.09
N LEU A 100 -15.37 -11.43 20.36
CA LEU A 100 -16.01 -12.31 21.33
C LEU A 100 -17.53 -12.38 21.16
N GLY A 101 -18.14 -11.40 20.51
CA GLY A 101 -19.59 -11.35 20.41
C GLY A 101 -20.28 -10.72 21.59
N LEU A 102 -19.54 -10.18 22.54
CA LEU A 102 -20.11 -9.57 23.74
C LEU A 102 -20.40 -8.11 23.44
N CYS A 103 -21.67 -7.71 23.58
CA CYS A 103 -22.13 -6.36 23.24
C CYS A 103 -21.74 -6.02 21.80
N TYR A 104 -22.40 -6.74 20.88
CA TYR A 104 -21.98 -6.70 19.48
C TYR A 104 -22.08 -5.31 18.89
N ARG A 105 -23.21 -4.62 19.10
CA ARG A 105 -23.42 -3.35 18.43
C ARG A 105 -22.52 -2.25 18.99
N ILE A 106 -22.41 -2.17 20.31
CA ILE A 106 -21.57 -1.15 20.92
C ILE A 106 -20.11 -1.37 20.54
N SER A 107 -19.66 -2.63 20.57
CA SER A 107 -18.29 -2.93 20.16
C SER A 107 -18.06 -2.60 18.70
N CYS A 108 -19.05 -2.86 17.84
CA CYS A 108 -18.92 -2.52 16.44
C CYS A 108 -18.75 -1.02 16.25
N VAL A 109 -19.55 -0.21 16.93
CA VAL A 109 -19.42 1.24 16.81
C VAL A 109 -18.09 1.71 17.38
N LEU A 110 -17.67 1.14 18.50
CA LEU A 110 -16.40 1.52 19.13
C LEU A 110 -15.21 1.20 18.23
N PHE A 111 -15.29 0.12 17.45
CA PHE A 111 -14.23 -0.12 16.48
C PHE A 111 -14.37 0.78 15.26
N LEU A 112 -15.60 1.09 14.85
CA LEU A 112 -15.80 1.77 13.57
C LEU A 112 -15.40 3.23 13.62
N LEU A 113 -15.72 3.94 14.71
CA LEU A 113 -15.52 5.39 14.69
C LEU A 113 -14.04 5.78 14.75
N PRO A 114 -13.26 5.38 15.76
CA PRO A 114 -11.83 5.77 15.76
C PRO A 114 -11.05 5.24 14.58
N TYR A 115 -11.41 4.07 14.04
CA TYR A 115 -10.70 3.55 12.89
C TYR A 115 -10.81 4.50 11.70
N TRP A 116 -12.01 4.99 11.42
CA TRP A 116 -12.17 5.90 10.30
C TRP A 116 -11.61 7.28 10.60
N TYR A 117 -11.63 7.71 11.86
CA TYR A 117 -10.95 8.95 12.23
C TYR A 117 -9.46 8.86 11.91
N VAL A 118 -8.82 7.78 12.35
CA VAL A 118 -7.38 7.61 12.10
C VAL A 118 -7.11 7.45 10.61
N PHE A 119 -8.02 6.76 9.89
CA PHE A 119 -7.85 6.60 8.45
C PHE A 119 -7.86 7.93 7.74
N LEU A 120 -8.84 8.78 8.04
CA LEU A 120 -8.93 10.10 7.42
C LEU A 120 -7.87 11.07 7.94
N LEU A 121 -7.19 10.74 9.03
CA LEU A 121 -6.18 11.64 9.57
C LEU A 121 -5.00 11.82 8.61
N ASP A 122 -4.56 10.77 7.94
CA ASP A 122 -3.38 10.84 7.08
C ASP A 122 -3.67 10.20 5.73
N LYS A 123 -3.38 10.94 4.65
CA LYS A 123 -3.56 10.46 3.29
C LYS A 123 -2.41 9.62 2.78
N THR A 124 -1.27 9.61 3.47
CA THR A 124 -0.08 8.92 3.01
C THR A 124 0.00 7.47 3.48
N SER A 125 -1.01 6.99 4.21
CA SER A 125 -1.04 5.61 4.69
C SER A 125 -2.22 4.83 4.11
N TRP A 126 -2.84 5.34 3.06
CA TRP A 126 -3.96 4.68 2.43
C TRP A 126 -3.47 3.56 1.51
N ASN A 127 -4.06 2.38 1.64
CA ASN A 127 -3.86 1.29 0.70
C ASN A 127 -5.20 0.59 0.51
N ASN A 128 -5.17 -0.60 -0.08
CA ASN A 128 -6.42 -1.27 -0.42
C ASN A 128 -6.92 -2.14 0.73
N HIS A 129 -6.03 -2.76 1.50
CA HIS A 129 -6.50 -3.62 2.57
C HIS A 129 -7.03 -2.84 3.76
N SER A 130 -6.47 -1.65 4.04
CA SER A 130 -7.06 -0.82 5.08
C SER A 130 -8.47 -0.38 4.71
N TYR A 131 -8.67 -0.01 3.45
CA TYR A 131 -9.99 0.33 2.96
C TYR A 131 -10.94 -0.85 3.07
N LEU A 132 -10.44 -2.06 2.77
CA LEU A 132 -11.28 -3.25 2.89
C LEU A 132 -11.67 -3.51 4.34
N TYR A 133 -10.74 -3.32 5.28
CA TYR A 133 -11.06 -3.49 6.69
C TYR A 133 -12.14 -2.51 7.13
N GLY A 134 -12.01 -1.25 6.71
CA GLY A 134 -13.04 -0.27 7.05
C GLY A 134 -14.40 -0.64 6.48
N LEU A 135 -14.43 -1.10 5.23
CA LEU A 135 -15.70 -1.50 4.62
C LEU A 135 -16.31 -2.70 5.32
N LEU A 136 -15.48 -3.69 5.68
CA LEU A 136 -15.99 -4.87 6.35
C LEU A 136 -16.55 -4.53 7.72
N ALA A 137 -15.88 -3.65 8.47
CA ALA A 137 -16.43 -3.22 9.75
C ALA A 137 -17.76 -2.49 9.56
N PHE A 138 -17.84 -1.61 8.55
CA PHE A 138 -19.08 -0.89 8.30
C PHE A 138 -20.22 -1.84 7.97
N GLN A 139 -19.95 -2.87 7.18
CA GLN A 139 -20.98 -3.86 6.85
C GLN A 139 -21.39 -4.66 8.09
N LEU A 140 -20.42 -5.18 8.83
CA LEU A 140 -20.71 -6.02 9.98
C LEU A 140 -21.45 -5.26 11.08
N THR A 141 -21.36 -3.92 11.08
CA THR A 141 -22.09 -3.16 12.09
C THR A 141 -23.60 -3.38 12.00
N PHE A 142 -24.14 -3.46 10.78
CA PHE A 142 -25.58 -3.57 10.58
C PHE A 142 -26.09 -5.00 10.52
N MET A 143 -25.22 -5.99 10.58
CA MET A 143 -25.63 -7.38 10.55
C MET A 143 -25.85 -7.90 11.96
N ASP A 144 -26.36 -9.12 12.04
CA ASP A 144 -26.54 -9.84 13.31
C ASP A 144 -25.72 -11.12 13.23
N ALA A 145 -24.44 -11.02 13.59
CA ALA A 145 -23.52 -12.14 13.57
C ALA A 145 -23.31 -12.73 14.96
N ASN A 146 -24.11 -12.32 15.95
CA ASN A 146 -24.05 -12.85 17.30
C ASN A 146 -25.19 -13.83 17.57
N HIS A 147 -25.74 -14.44 16.52
CA HIS A 147 -26.82 -15.42 16.65
C HIS A 147 -26.32 -16.84 16.79
N TYR A 148 -25.00 -17.05 16.85
CA TYR A 148 -24.43 -18.38 16.96
C TYR A 148 -22.98 -18.23 17.40
N TRP A 149 -22.54 -19.11 18.30
CA TRP A 149 -21.15 -19.15 18.74
C TRP A 149 -20.70 -17.77 19.23
N SER A 150 -21.38 -17.30 20.27
CA SER A 150 -21.10 -15.97 20.80
C SER A 150 -21.43 -15.93 22.29
N VAL A 151 -20.80 -14.98 22.98
CA VAL A 151 -21.07 -14.77 24.40
C VAL A 151 -22.45 -14.17 24.59
N ASP A 152 -22.92 -13.37 23.63
CA ASP A 152 -24.22 -12.70 23.72
C ASP A 152 -25.40 -13.66 23.80
N GLY A 153 -25.21 -14.93 23.45
CA GLY A 153 -26.28 -15.90 23.56
C GLY A 153 -26.28 -16.60 24.90
N LEU A 154 -25.14 -16.56 25.61
CA LEU A 154 -25.06 -17.22 26.90
C LEU A 154 -25.82 -16.46 27.98
N LEU A 155 -25.79 -15.13 27.94
CA LEU A 155 -26.50 -14.31 28.91
C LEU A 155 -27.81 -13.77 28.36
N ASN A 156 -28.31 -14.35 27.26
CA ASN A 156 -29.60 -13.93 26.71
C ASN A 156 -30.12 -15.10 25.88
N ALA A 157 -31.22 -15.71 26.33
CA ALA A 157 -31.82 -16.82 25.60
C ALA A 157 -32.88 -16.32 24.62
N HIS A 158 -32.48 -15.37 23.78
CA HIS A 158 -33.31 -14.89 22.69
C HIS A 158 -32.52 -14.66 21.42
N ARG A 159 -31.19 -14.82 21.45
CA ARG A 159 -30.34 -14.65 20.30
C ARG A 159 -29.42 -15.86 20.11
N ARG A 160 -29.80 -17.01 20.66
CA ARG A 160 -28.98 -18.22 20.60
C ARG A 160 -29.57 -19.16 19.56
N ASN A 161 -28.78 -19.47 18.53
CA ASN A 161 -29.18 -20.37 17.45
C ASN A 161 -30.47 -19.89 16.79
N ALA A 162 -30.45 -18.67 16.27
CA ALA A 162 -31.60 -18.07 15.64
C ALA A 162 -31.32 -17.79 14.17
N HIS A 163 -32.39 -17.65 13.39
CA HIS A 163 -32.26 -17.42 11.96
C HIS A 163 -31.72 -16.01 11.68
N VAL A 164 -31.17 -15.85 10.48
CA VAL A 164 -30.71 -14.54 10.01
C VAL A 164 -31.30 -14.30 8.62
N PRO A 165 -31.50 -13.05 8.20
CA PRO A 165 -32.00 -12.79 6.86
C PRO A 165 -30.94 -13.10 5.80
N LEU A 166 -31.42 -13.27 4.57
CA LEU A 166 -30.56 -13.73 3.49
C LEU A 166 -29.56 -12.64 3.07
N TRP A 167 -29.96 -11.37 3.13
CA TRP A 167 -29.09 -10.31 2.61
C TRP A 167 -27.80 -10.16 3.41
N ASN A 168 -27.74 -10.72 4.62
CA ASN A 168 -26.51 -10.70 5.40
C ASN A 168 -25.38 -11.41 4.67
N TYR A 169 -25.70 -12.48 3.94
CA TYR A 169 -24.70 -13.16 3.13
C TYR A 169 -24.53 -12.51 1.77
N ALA A 170 -25.63 -11.98 1.21
CA ALA A 170 -25.57 -11.37 -0.12
C ALA A 170 -24.63 -10.17 -0.14
N VAL A 171 -24.67 -9.34 0.91
CA VAL A 171 -23.83 -8.15 0.93
C VAL A 171 -22.35 -8.54 0.93
N LEU A 172 -21.97 -9.50 1.78
CA LEU A 172 -20.57 -9.91 1.85
C LEU A 172 -20.11 -10.59 0.56
N ARG A 173 -20.95 -11.46 0.00
CA ARG A 173 -20.58 -12.11 -1.26
C ARG A 173 -20.41 -11.09 -2.38
N GLY A 174 -21.32 -10.10 -2.44
CA GLY A 174 -21.18 -9.06 -3.44
C GLY A 174 -19.91 -8.25 -3.25
N GLN A 175 -19.54 -7.98 -2.00
CA GLN A 175 -18.30 -7.26 -1.74
C GLN A 175 -17.09 -8.03 -2.26
N ILE A 176 -16.84 -9.27 -1.84
CA ILE A 176 -15.71 -10.16 -2.28
C ILE A 176 -15.71 -10.46 -3.79
N PHE A 177 -16.76 -10.20 -4.53
CA PHE A 177 -16.79 -10.34 -6.00
C PHE A 177 -16.45 -8.99 -6.62
N ILE A 178 -16.48 -7.86 -5.94
CA ILE A 178 -16.03 -6.54 -6.48
C ILE A 178 -14.52 -6.45 -6.33
N VAL A 179 -13.99 -6.85 -5.21
CA VAL A 179 -12.53 -6.94 -5.06
C VAL A 179 -11.96 -7.66 -6.27
N TYR A 180 -12.20 -8.93 -6.57
CA TYR A 180 -11.68 -9.75 -7.69
C TYR A 180 -12.13 -9.32 -9.09
N PHE A 181 -13.38 -9.03 -9.36
CA PHE A 181 -13.73 -8.50 -10.69
C PHE A 181 -13.07 -7.16 -10.98
N ILE A 182 -13.34 -6.03 -10.30
CA ILE A 182 -12.74 -4.66 -10.53
C ILE A 182 -11.23 -4.64 -10.31
N ALA A 183 -10.58 -5.74 -10.04
CA ALA A 183 -9.15 -5.87 -9.87
C ALA A 183 -8.55 -6.53 -11.08
N GLY A 184 -9.26 -7.31 -11.87
CA GLY A 184 -8.77 -7.92 -13.10
C GLY A 184 -9.31 -7.16 -14.28
N VAL A 185 -10.18 -6.18 -14.10
CA VAL A 185 -10.64 -5.31 -15.21
C VAL A 185 -9.79 -4.05 -15.18
N LYS A 186 -8.88 -3.92 -14.22
CA LYS A 186 -7.91 -2.80 -14.12
C LYS A 186 -6.56 -3.37 -14.55
N LYS A 187 -6.40 -4.67 -14.63
CA LYS A 187 -5.18 -5.34 -15.05
C LYS A 187 -5.34 -5.65 -16.52
N LEU A 188 -6.21 -4.95 -17.25
CA LEU A 188 -6.34 -5.04 -18.72
C LEU A 188 -5.79 -3.72 -19.19
N ASP A 189 -4.64 -3.30 -18.68
CA ASP A 189 -3.90 -2.08 -19.05
C ASP A 189 -2.75 -2.63 -19.87
N ALA A 190 -2.19 -1.91 -20.84
CA ALA A 190 -1.18 -2.49 -21.74
C ALA A 190 0.13 -2.84 -21.04
N ASP A 191 0.39 -2.27 -19.88
CA ASP A 191 1.64 -2.49 -19.17
C ASP A 191 1.53 -3.74 -18.35
N TRP A 192 0.33 -4.14 -17.96
CA TRP A 192 0.22 -5.44 -17.32
C TRP A 192 0.15 -6.57 -18.34
N VAL A 193 -0.59 -6.36 -19.43
CA VAL A 193 -0.74 -7.42 -20.43
C VAL A 193 0.58 -7.70 -21.13
N GLU A 194 1.33 -6.64 -21.44
CA GLU A 194 2.61 -6.81 -22.13
C GLU A 194 3.71 -7.33 -21.20
N GLY A 195 3.55 -7.20 -19.89
CA GLY A 195 4.51 -7.77 -18.96
C GLY A 195 5.57 -6.81 -18.46
N TYR A 196 5.18 -5.57 -18.17
CA TYR A 196 6.10 -4.56 -17.69
C TYR A 196 5.94 -4.22 -16.22
N SER A 197 4.82 -4.61 -15.59
CA SER A 197 4.55 -4.21 -14.22
C SER A 197 5.42 -4.97 -13.22
N MET A 198 5.40 -6.30 -13.30
CA MET A 198 6.16 -7.16 -12.40
C MET A 198 7.09 -8.02 -13.24
N GLU A 199 8.26 -7.48 -13.57
CA GLU A 199 9.21 -8.20 -14.41
C GLU A 199 10.24 -8.98 -13.62
N TYR A 200 10.54 -8.55 -12.39
CA TYR A 200 11.54 -9.20 -11.56
C TYR A 200 10.93 -10.10 -10.49
N LEU A 201 9.61 -10.25 -10.47
CA LEU A 201 8.97 -11.10 -9.48
C LEU A 201 9.15 -12.58 -9.80
N SER A 202 9.36 -12.94 -11.06
CA SER A 202 9.54 -14.34 -11.44
C SER A 202 10.87 -14.91 -10.99
N ARG A 203 11.78 -14.09 -10.49
CA ARG A 203 13.08 -14.56 -10.02
C ARG A 203 13.01 -15.22 -8.66
N HIS A 204 11.87 -15.17 -7.99
CA HIS A 204 11.74 -15.78 -6.67
C HIS A 204 11.90 -17.29 -6.75
N TRP A 205 12.34 -17.89 -5.65
CA TRP A 205 12.52 -19.33 -5.59
C TRP A 205 11.21 -20.09 -5.51
N LEU A 206 10.10 -19.40 -5.27
CA LEU A 206 8.80 -20.07 -5.22
C LEU A 206 8.26 -20.38 -6.61
N PHE A 207 8.82 -19.78 -7.66
CA PHE A 207 8.42 -20.06 -9.03
C PHE A 207 9.28 -21.13 -9.68
N SER A 208 10.18 -21.75 -8.92
CA SER A 208 11.09 -22.74 -9.50
C SER A 208 10.39 -23.92 -10.17
N PRO A 209 9.29 -24.50 -9.64
CA PRO A 209 8.65 -25.61 -10.36
C PRO A 209 8.21 -25.25 -11.77
N PHE A 210 7.80 -24.01 -12.01
CA PHE A 210 7.37 -23.62 -13.34
C PHE A 210 8.54 -23.60 -14.34
N LYS A 211 9.76 -23.37 -13.84
CA LYS A 211 10.92 -23.27 -14.72
C LYS A 211 11.32 -24.61 -15.33
N LEU A 212 10.75 -25.72 -14.87
CA LEU A 212 11.09 -27.03 -15.43
C LEU A 212 10.57 -27.20 -16.85
N LEU A 213 9.56 -26.43 -17.25
CA LEU A 213 9.00 -26.54 -18.59
C LEU A 213 8.83 -25.20 -19.29
N LEU A 214 9.22 -24.10 -18.67
CA LEU A 214 9.10 -22.78 -19.27
C LEU A 214 10.38 -21.99 -19.04
N SER A 215 10.65 -21.06 -19.95
CA SER A 215 11.78 -20.17 -19.83
C SER A 215 11.46 -19.04 -18.84
N GLU A 216 12.49 -18.29 -18.47
CA GLU A 216 12.32 -17.25 -17.46
C GLU A 216 11.40 -16.14 -17.97
N GLU A 217 11.65 -15.64 -19.18
CA GLU A 217 10.79 -14.60 -19.73
C GLU A 217 9.38 -15.13 -19.98
N LEU A 218 9.26 -16.38 -20.42
CA LEU A 218 7.95 -16.99 -20.61
C LEU A 218 7.24 -17.18 -19.27
N THR A 219 7.99 -17.56 -18.22
CA THR A 219 7.39 -17.67 -16.90
C THR A 219 6.88 -16.33 -16.42
N SER A 220 7.64 -15.26 -16.64
CA SER A 220 7.20 -13.93 -16.24
C SER A 220 5.97 -13.48 -17.03
N LEU A 221 5.95 -13.78 -18.34
CA LEU A 221 4.85 -13.29 -19.17
C LEU A 221 3.56 -14.07 -18.92
N LEU A 222 3.65 -15.40 -18.80
CA LEU A 222 2.46 -16.24 -18.76
C LEU A 222 1.96 -16.48 -17.34
N VAL A 223 2.80 -17.05 -16.48
CA VAL A 223 2.35 -17.47 -15.15
C VAL A 223 2.01 -16.26 -14.29
N VAL A 224 2.87 -15.24 -14.30
CA VAL A 224 2.72 -14.13 -13.36
C VAL A 224 1.64 -13.16 -13.84
N HIS A 225 1.66 -12.80 -15.12
CA HIS A 225 0.78 -11.74 -15.60
C HIS A 225 -0.56 -12.29 -16.10
N TRP A 226 -0.52 -13.15 -17.12
CA TRP A 226 -1.76 -13.67 -17.70
C TRP A 226 -2.48 -14.60 -16.74
N GLY A 227 -1.74 -15.44 -16.01
CA GLY A 227 -2.36 -16.29 -15.02
C GLY A 227 -3.04 -15.50 -13.92
N GLY A 228 -2.37 -14.46 -13.42
CA GLY A 228 -2.98 -13.62 -12.40
C GLY A 228 -4.21 -12.89 -12.91
N LEU A 229 -4.15 -12.38 -14.14
CA LEU A 229 -5.31 -11.70 -14.69
C LEU A 229 -6.50 -12.65 -14.85
N LEU A 230 -6.24 -13.86 -15.36
CA LEU A 230 -7.33 -14.82 -15.54
C LEU A 230 -7.92 -15.26 -14.21
N LEU A 231 -7.07 -15.51 -13.20
CA LEU A 231 -7.57 -15.88 -11.89
C LEU A 231 -8.41 -14.76 -11.29
N ASP A 232 -7.95 -13.51 -11.38
CA ASP A 232 -8.73 -12.40 -10.85
C ASP A 232 -10.06 -12.26 -11.58
N LEU A 233 -10.08 -12.46 -12.89
CA LEU A 233 -11.33 -12.30 -13.63
C LEU A 233 -12.32 -13.44 -13.38
N SER A 234 -11.84 -14.65 -13.13
CA SER A 234 -12.73 -15.81 -13.06
C SER A 234 -12.94 -16.37 -11.67
N ALA A 235 -12.30 -15.82 -10.64
CA ALA A 235 -12.43 -16.39 -9.30
C ALA A 235 -13.85 -16.31 -8.77
N GLY A 236 -14.51 -15.16 -8.96
CA GLY A 236 -15.87 -15.01 -8.45
C GLY A 236 -16.86 -15.96 -9.09
N PHE A 237 -16.78 -16.09 -10.42
CA PHE A 237 -17.66 -17.02 -11.13
C PHE A 237 -17.36 -18.47 -10.75
N LEU A 238 -16.08 -18.80 -10.56
CA LEU A 238 -15.75 -20.15 -10.13
C LEU A 238 -16.29 -20.46 -8.74
N LEU A 239 -16.20 -19.49 -7.83
CA LEU A 239 -16.63 -19.73 -6.45
C LEU A 239 -18.15 -19.76 -6.31
N PHE A 240 -18.87 -18.95 -7.09
CA PHE A 240 -20.31 -18.85 -6.91
C PHE A 240 -21.02 -20.16 -7.25
N PHE A 241 -20.63 -20.82 -8.33
CA PHE A 241 -21.34 -22.00 -8.81
C PHE A 241 -20.81 -23.27 -8.15
N ASP A 242 -21.74 -24.13 -7.74
CA ASP A 242 -21.37 -25.31 -6.97
C ASP A 242 -20.73 -26.40 -7.83
N VAL A 243 -20.89 -26.34 -9.15
CA VAL A 243 -20.26 -27.34 -10.01
C VAL A 243 -18.74 -27.18 -9.97
N SER A 244 -18.26 -25.95 -9.87
CA SER A 244 -16.83 -25.65 -9.90
C SER A 244 -16.34 -24.98 -8.62
N ARG A 245 -16.93 -25.33 -7.48
CA ARG A 245 -16.52 -24.69 -6.23
C ARG A 245 -15.17 -25.22 -5.74
N SER A 246 -14.94 -26.52 -5.89
CA SER A 246 -13.70 -27.11 -5.35
C SER A 246 -12.47 -26.59 -6.07
N ILE A 247 -12.53 -26.55 -7.40
CA ILE A 247 -11.37 -26.08 -8.18
C ILE A 247 -11.10 -24.61 -7.89
N GLY A 248 -12.15 -23.79 -7.83
CA GLY A 248 -11.97 -22.39 -7.50
C GLY A 248 -11.40 -22.20 -6.11
N LEU A 249 -11.87 -22.99 -5.14
CA LEU A 249 -11.37 -22.91 -3.78
C LEU A 249 -9.87 -23.24 -3.74
N PHE A 250 -9.48 -24.33 -4.41
CA PHE A 250 -8.07 -24.70 -4.43
C PHE A 250 -7.22 -23.61 -5.10
N PHE A 251 -7.70 -23.07 -6.21
CA PHE A 251 -6.92 -22.06 -6.94
C PHE A 251 -6.75 -20.80 -6.10
N VAL A 252 -7.83 -20.30 -5.49
CA VAL A 252 -7.70 -19.08 -4.69
C VAL A 252 -6.88 -19.33 -3.43
N SER A 253 -6.99 -20.51 -2.83
CA SER A 253 -6.17 -20.81 -1.66
C SER A 253 -4.68 -20.81 -2.02
N TYR A 254 -4.33 -21.45 -3.13
CA TYR A 254 -2.93 -21.44 -3.57
C TYR A 254 -2.47 -20.02 -3.89
N PHE A 255 -3.32 -19.24 -4.55
CA PHE A 255 -2.97 -17.88 -4.93
C PHE A 255 -2.70 -17.02 -3.70
N HIS A 256 -3.55 -17.11 -2.68
CA HIS A 256 -3.38 -16.28 -1.49
C HIS A 256 -2.23 -16.77 -0.63
N CYS A 257 -2.00 -18.09 -0.57
CA CYS A 257 -0.82 -18.58 0.15
C CYS A 257 0.46 -18.10 -0.52
N MET A 258 0.48 -18.05 -1.85
CA MET A 258 1.64 -17.51 -2.57
C MET A 258 1.82 -16.02 -2.28
N ASN A 259 0.73 -15.26 -2.34
CA ASN A 259 0.82 -13.82 -2.13
C ASN A 259 1.23 -13.47 -0.70
N SER A 260 0.88 -14.31 0.27
CA SER A 260 1.29 -14.04 1.65
C SER A 260 2.81 -14.12 1.81
N GLN A 261 3.48 -14.93 0.98
CA GLN A 261 4.93 -15.07 1.07
C GLN A 261 5.67 -14.12 0.14
N LEU A 262 5.10 -13.81 -1.02
CA LEU A 262 5.81 -12.95 -1.97
C LEU A 262 5.94 -11.52 -1.45
N PHE A 263 4.86 -10.97 -0.92
CA PHE A 263 4.81 -9.56 -0.53
C PHE A 263 4.68 -9.44 0.99
N SER A 264 4.54 -8.19 1.45
CA SER A 264 4.32 -7.87 2.87
C SER A 264 3.12 -6.93 2.91
N ILE A 265 1.92 -7.49 2.96
CA ILE A 265 0.69 -6.71 2.88
C ILE A 265 -0.16 -6.94 4.13
N GLY A 266 0.48 -7.21 5.25
CA GLY A 266 -0.24 -7.39 6.49
C GLY A 266 -1.07 -8.66 6.57
N MET A 267 -2.37 -8.50 6.83
CA MET A 267 -3.29 -9.62 6.97
C MET A 267 -4.25 -9.75 5.79
N PHE A 268 -3.89 -9.16 4.64
CA PHE A 268 -4.79 -9.20 3.48
C PHE A 268 -5.03 -10.64 3.03
N SER A 269 -3.96 -11.43 2.92
CA SER A 269 -4.08 -12.80 2.43
C SER A 269 -4.94 -13.64 3.37
N TYR A 270 -4.73 -13.51 4.67
CA TYR A 270 -5.48 -14.31 5.63
C TYR A 270 -6.94 -13.87 5.70
N VAL A 271 -7.20 -12.57 5.55
CA VAL A 271 -8.58 -12.09 5.50
C VAL A 271 -9.31 -12.68 4.30
N MET A 272 -8.69 -12.73 3.12
CA MET A 272 -9.41 -13.14 1.89
C MET A 272 -9.39 -14.64 1.78
N LEU A 273 -8.71 -15.32 2.66
CA LEU A 273 -8.70 -16.79 2.69
C LEU A 273 -9.79 -17.27 3.64
N ALA A 274 -10.39 -16.42 4.44
CA ALA A 274 -11.42 -16.77 5.43
C ALA A 274 -12.74 -16.24 4.95
N SER A 275 -12.74 -15.50 3.87
CA SER A 275 -13.95 -14.92 3.27
C SER A 275 -14.40 -15.77 2.12
N SER A 276 -13.71 -16.82 1.75
CA SER A 276 -14.04 -17.71 0.63
C SER A 276 -14.92 -18.86 1.06
N PRO A 277 -14.91 -19.37 2.30
CA PRO A 277 -15.93 -20.27 2.74
C PRO A 277 -17.31 -19.62 2.99
N LEU A 278 -17.60 -18.37 2.58
CA LEU A 278 -18.88 -17.63 2.75
C LEU A 278 -19.60 -17.75 1.43
N PHE A 279 -19.14 -18.62 0.58
CA PHE A 279 -19.71 -18.89 -0.76
C PHE A 279 -20.23 -20.31 -0.69
N CYS A 280 -19.76 -21.15 0.24
CA CYS A 280 -20.27 -22.51 0.52
C CYS A 280 -21.59 -22.40 1.25
N SER A 281 -22.31 -23.48 1.51
CA SER A 281 -23.60 -23.50 2.19
C SER A 281 -23.44 -22.93 3.60
N PRO A 282 -24.45 -22.19 4.09
CA PRO A 282 -24.35 -21.58 5.43
C PRO A 282 -24.32 -22.57 6.57
N GLU A 283 -24.42 -23.87 6.31
CA GLU A 283 -24.42 -24.89 7.35
C GLU A 283 -23.13 -25.70 7.40
N TRP A 284 -22.07 -25.26 6.71
CA TRP A 284 -20.84 -26.04 6.71
C TRP A 284 -20.21 -26.22 8.08
N PRO A 285 -20.18 -25.23 8.99
CA PRO A 285 -19.65 -25.53 10.33
C PRO A 285 -20.45 -26.60 11.06
N ARG A 286 -21.77 -26.64 10.86
CA ARG A 286 -22.60 -27.65 11.49
C ARG A 286 -22.29 -29.04 10.93
N LYS A 287 -22.07 -29.13 9.62
CA LYS A 287 -21.74 -30.42 9.00
C LYS A 287 -20.31 -30.85 9.28
N LEU A 288 -19.42 -29.91 9.64
CA LEU A 288 -18.03 -30.26 9.87
C LEU A 288 -17.78 -30.95 11.20
N VAL A 289 -18.77 -30.96 12.11
CA VAL A 289 -18.62 -31.72 13.35
C VAL A 289 -19.06 -33.17 13.19
N SER A 290 -19.70 -33.52 12.08
CA SER A 290 -20.08 -34.90 11.81
C SER A 290 -18.91 -35.76 11.36
N TYR A 291 -17.78 -35.16 10.96
CA TYR A 291 -16.60 -35.89 10.57
C TYR A 291 -15.58 -36.02 11.71
N CYS A 292 -15.64 -35.14 12.69
CA CYS A 292 -14.77 -35.26 13.86
C CYS A 292 -15.22 -36.45 14.71
N PRO A 293 -14.31 -37.01 15.50
CA PRO A 293 -14.67 -38.18 16.31
C PRO A 293 -15.80 -37.87 17.29
N ARG A 294 -16.65 -38.87 17.52
CA ARG A 294 -17.76 -38.70 18.46
C ARG A 294 -17.29 -38.54 19.89
N ARG A 295 -16.02 -38.86 20.18
CA ARG A 295 -15.48 -38.58 21.50
C ARG A 295 -15.44 -37.09 21.78
N LEU A 296 -15.10 -36.29 20.76
CA LEU A 296 -15.02 -34.84 20.88
C LEU A 296 -16.30 -34.15 20.44
N GLN A 297 -17.41 -34.88 20.35
CA GLN A 297 -18.69 -34.31 19.95
C GLN A 297 -19.57 -33.95 21.14
N GLN A 298 -19.07 -34.08 22.37
CA GLN A 298 -19.87 -33.84 23.56
C GLN A 298 -19.54 -32.52 24.26
N LEU A 299 -18.34 -31.98 24.07
CA LEU A 299 -17.99 -30.72 24.71
C LEU A 299 -18.53 -29.51 23.96
N LEU A 300 -18.78 -29.65 22.66
CA LEU A 300 -19.36 -28.58 21.87
C LEU A 300 -20.86 -28.49 22.12
N PRO A 301 -21.46 -27.32 21.87
CA PRO A 301 -22.91 -27.18 22.06
C PRO A 301 -23.68 -28.15 21.18
N LEU A 302 -24.79 -28.65 21.71
CA LEU A 302 -25.61 -29.61 20.98
C LEU A 302 -26.14 -28.99 19.70
N LYS A 303 -26.03 -29.74 18.60
CA LYS A 303 -26.41 -29.25 17.28
C LYS A 303 -27.91 -29.41 17.12
N ALA A 304 -28.65 -28.40 17.57
CA ALA A 304 -30.10 -28.38 17.43
C ALA A 304 -30.47 -27.61 16.15
N ALA A 305 -31.76 -27.38 15.95
CA ALA A 305 -32.18 -26.61 14.79
C ALA A 305 -32.31 -25.13 15.14
N PRO A 306 -32.10 -24.24 14.18
CA PRO A 306 -32.25 -22.81 14.46
C PRO A 306 -33.67 -22.46 14.90
N GLN A 307 -33.77 -21.52 15.82
CA GLN A 307 -35.03 -21.07 16.36
C GLN A 307 -35.50 -19.80 15.64
N PRO A 308 -36.82 -19.60 15.54
CA PRO A 308 -37.33 -18.46 14.77
C PRO A 308 -36.88 -17.13 15.36
N SER A 309 -36.70 -16.16 14.47
CA SER A 309 -36.27 -14.81 14.84
C SER A 309 -37.16 -13.79 14.17
N VAL A 310 -37.22 -12.59 14.75
CA VAL A 310 -38.10 -11.54 14.24
C VAL A 310 -37.44 -10.79 13.10
N SER A 311 -36.14 -11.02 12.86
CA SER A 311 -35.44 -10.30 11.81
C SER A 311 -35.89 -10.73 10.42
N CYS A 312 -36.16 -12.02 10.22
CA CYS A 312 -36.48 -12.57 8.92
C CYS A 312 -37.98 -12.79 8.78
N VAL A 313 -38.52 -12.49 7.59
CA VAL A 313 -39.93 -12.66 7.33
C VAL A 313 -40.22 -14.11 6.96
N TYR A 314 -41.39 -14.60 7.38
CA TYR A 314 -41.74 -16.02 7.22
C TYR A 314 -42.93 -16.13 6.28
N LYS A 315 -42.77 -16.95 5.24
CA LYS A 315 -43.81 -17.20 4.25
C LYS A 315 -43.94 -18.70 4.06
N ARG A 316 -45.07 -19.27 4.46
CA ARG A 316 -45.30 -20.71 4.37
C ARG A 316 -46.63 -20.98 3.69
N SER A 317 -46.66 -22.08 2.94
CA SER A 317 -47.91 -22.48 2.26
C SER A 317 -48.98 -22.84 3.27
N ARG A 318 -48.62 -23.58 4.31
CA ARG A 318 -49.55 -23.98 5.37
C ARG A 318 -49.44 -23.10 6.60
N GLY A 319 -48.24 -22.66 6.95
CA GLY A 319 -48.04 -21.80 8.10
C GLY A 319 -48.38 -20.36 7.82
N LYS A 320 -49.69 -20.07 7.79
CA LYS A 320 -50.32 -18.77 7.52
C LYS A 320 -49.86 -18.14 6.21
N SER A 321 -50.61 -17.13 5.74
CA SER A 321 -50.31 -16.52 4.46
C SER A 321 -49.00 -15.75 4.49
N GLY A 322 -48.74 -15.06 5.60
CA GLY A 322 -47.53 -14.26 5.74
C GLY A 322 -47.87 -12.87 6.28
N GLN A 323 -46.90 -12.27 6.93
CA GLN A 323 -47.05 -10.94 7.51
C GLN A 323 -46.44 -9.89 6.60
N LYS A 324 -47.04 -8.70 6.64
CA LYS A 324 -46.51 -7.59 5.85
C LYS A 324 -45.16 -7.16 6.40
N PRO A 325 -44.13 -7.05 5.56
CA PRO A 325 -42.81 -6.64 6.07
C PRO A 325 -42.87 -5.26 6.70
N GLY A 326 -42.13 -5.10 7.79
CA GLY A 326 -42.05 -3.84 8.49
C GLY A 326 -41.00 -2.93 7.90
N LEU A 327 -40.59 -1.94 8.69
CA LEU A 327 -39.56 -1.02 8.23
C LEU A 327 -38.19 -1.70 8.17
N ARG A 328 -37.93 -2.66 9.05
CA ARG A 328 -36.63 -3.29 9.11
C ARG A 328 -36.28 -4.00 7.80
N HIS A 329 -37.22 -4.78 7.27
CA HIS A 329 -36.95 -5.58 6.08
C HIS A 329 -36.74 -4.71 4.86
N GLN A 330 -37.60 -3.70 4.67
CA GLN A 330 -37.44 -2.79 3.55
C GLN A 330 -36.13 -2.00 3.65
N LEU A 331 -35.78 -1.57 4.86
CA LEU A 331 -34.50 -0.88 5.04
C LEU A 331 -33.34 -1.79 4.71
N GLY A 332 -33.40 -3.06 5.10
CA GLY A 332 -32.33 -3.98 4.77
C GLY A 332 -32.17 -4.19 3.27
N ALA A 333 -33.28 -4.41 2.57
CA ALA A 333 -33.21 -4.60 1.13
C ALA A 333 -32.68 -3.36 0.43
N ALA A 334 -33.15 -2.18 0.83
CA ALA A 334 -32.67 -0.94 0.23
C ALA A 334 -31.18 -0.74 0.49
N PHE A 335 -30.73 -1.06 1.72
CA PHE A 335 -29.32 -0.94 2.04
C PHE A 335 -28.49 -1.86 1.15
N THR A 336 -28.92 -3.10 0.97
CA THR A 336 -28.18 -4.02 0.11
C THR A 336 -28.04 -3.46 -1.30
N LEU A 337 -29.16 -3.06 -1.90
CA LEU A 337 -29.13 -2.58 -3.28
C LEU A 337 -28.26 -1.33 -3.42
N LEU A 338 -28.49 -0.33 -2.56
CA LEU A 338 -27.76 0.93 -2.67
C LEU A 338 -26.27 0.74 -2.41
N TYR A 339 -25.92 -0.06 -1.40
CA TYR A 339 -24.52 -0.28 -1.09
C TYR A 339 -23.80 -0.96 -2.24
N LEU A 340 -24.42 -1.99 -2.83
CA LEU A 340 -23.76 -2.66 -3.95
C LEU A 340 -23.61 -1.72 -5.15
N LEU A 341 -24.63 -0.91 -5.43
CA LEU A 341 -24.54 0.02 -6.54
C LEU A 341 -23.42 1.04 -6.34
N GLU A 342 -23.33 1.60 -5.13
CA GLU A 342 -22.29 2.59 -4.85
C GLU A 342 -20.90 1.96 -4.89
N GLN A 343 -20.76 0.73 -4.39
CA GLN A 343 -19.47 0.06 -4.44
C GLN A 343 -19.05 -0.22 -5.88
N LEU A 344 -20.02 -0.53 -6.74
CA LEU A 344 -19.70 -0.69 -8.15
C LEU A 344 -19.26 0.62 -8.79
N PHE A 345 -19.94 1.72 -8.43
CA PHE A 345 -19.69 2.99 -9.10
C PHE A 345 -18.40 3.66 -8.66
N LEU A 346 -18.04 3.54 -7.37
CA LEU A 346 -16.95 4.36 -6.83
C LEU A 346 -15.61 4.20 -7.53
N PRO A 347 -15.13 3.00 -7.87
CA PRO A 347 -13.81 2.91 -8.54
C PRO A 347 -13.73 3.63 -9.87
N TYR A 348 -14.85 3.97 -10.49
CA TYR A 348 -14.88 4.65 -11.78
C TYR A 348 -15.45 6.06 -11.65
N SER A 349 -15.17 6.71 -10.52
CA SER A 349 -15.64 8.05 -10.25
C SER A 349 -14.59 9.12 -10.55
N HIS A 350 -13.51 8.74 -11.23
CA HIS A 350 -12.37 9.63 -11.42
C HIS A 350 -12.64 10.75 -12.42
N PHE A 351 -13.76 10.70 -13.15
CA PHE A 351 -14.07 11.77 -14.09
C PHE A 351 -14.76 12.96 -13.42
N LEU A 352 -15.02 12.89 -12.11
CA LEU A 352 -15.60 13.99 -11.36
C LEU A 352 -14.56 14.74 -10.53
N THR A 353 -13.74 14.00 -9.77
CA THR A 353 -12.69 14.59 -8.96
C THR A 353 -11.43 14.73 -9.83
N GLN A 354 -11.42 15.79 -10.64
CA GLN A 354 -10.34 16.02 -11.58
C GLN A 354 -9.11 16.65 -10.94
N GLY A 355 -9.22 17.19 -9.73
CA GLY A 355 -8.08 17.76 -9.05
C GLY A 355 -7.13 16.77 -8.44
N TYR A 356 -7.54 15.52 -8.30
CA TYR A 356 -6.71 14.45 -7.75
C TYR A 356 -6.10 13.59 -8.83
N ASN A 357 -6.24 13.97 -10.11
CA ASN A 357 -5.79 13.16 -11.23
C ASN A 357 -4.42 13.64 -11.69
N ASN A 358 -3.38 12.89 -11.32
CA ASN A 358 -2.03 13.05 -11.84
C ASN A 358 -1.85 12.10 -13.02
N TRP A 359 -0.59 11.76 -13.35
CA TRP A 359 -0.30 10.70 -14.30
C TRP A 359 -1.18 9.47 -14.09
N THR A 360 -1.43 9.12 -12.83
CA THR A 360 -2.31 8.02 -12.45
C THR A 360 -3.61 8.60 -11.89
N ASN A 361 -4.73 7.99 -12.25
CA ASN A 361 -6.03 8.54 -11.90
C ASN A 361 -6.33 8.40 -10.42
N GLY A 362 -6.75 9.49 -9.80
CA GLY A 362 -7.28 9.47 -8.45
C GLY A 362 -6.21 9.29 -7.38
N LEU A 363 -6.67 9.37 -6.13
CA LEU A 363 -5.86 9.00 -4.98
C LEU A 363 -5.75 7.49 -4.88
N TYR A 364 -4.63 7.03 -4.34
CA TYR A 364 -4.39 5.60 -4.17
C TYR A 364 -5.11 5.10 -2.93
N GLY A 365 -5.83 3.98 -3.06
CA GLY A 365 -6.43 3.37 -1.90
C GLY A 365 -7.81 2.79 -2.06
N TYR A 366 -8.56 3.20 -3.09
CA TYR A 366 -9.94 2.75 -3.20
C TYR A 366 -10.36 2.36 -4.61
N SER A 367 -9.42 1.96 -5.47
CA SER A 367 -9.75 1.63 -6.86
C SER A 367 -9.40 0.19 -7.24
N TRP A 368 -8.86 -0.60 -6.31
CA TRP A 368 -8.54 -2.01 -6.55
C TRP A 368 -7.57 -2.17 -7.73
N ASP A 369 -6.51 -1.38 -7.73
CA ASP A 369 -5.41 -1.53 -8.69
C ASP A 369 -4.13 -1.78 -7.90
N MET A 370 -3.81 -3.05 -7.68
CA MET A 370 -2.63 -3.41 -6.89
C MET A 370 -1.48 -3.82 -7.81
N MET A 371 -0.29 -3.30 -7.51
CA MET A 371 0.95 -3.70 -8.15
C MET A 371 0.90 -3.56 -9.67
N VAL A 372 0.29 -2.48 -10.14
CA VAL A 372 0.20 -2.21 -11.58
C VAL A 372 1.21 -1.16 -12.02
N HIS A 373 1.32 -0.05 -11.29
CA HIS A 373 2.24 1.02 -11.62
C HIS A 373 3.35 1.07 -10.58
N SER A 374 4.60 1.06 -11.06
CA SER A 374 5.77 1.19 -10.21
C SER A 374 6.54 2.44 -10.62
N ARG A 375 7.08 3.16 -9.64
CA ARG A 375 7.74 4.44 -9.86
C ARG A 375 9.18 4.38 -9.41
N SER A 376 10.04 5.12 -10.11
CA SER A 376 11.44 5.29 -9.74
C SER A 376 11.75 6.78 -9.74
N HIS A 377 12.45 7.24 -8.70
CA HIS A 377 12.78 8.65 -8.55
C HIS A 377 14.28 8.83 -8.71
N GLN A 378 14.68 9.80 -9.52
CA GLN A 378 16.09 10.06 -9.81
C GLN A 378 16.64 11.22 -9.02
N HIS A 379 15.94 12.34 -8.99
CA HIS A 379 16.45 13.55 -8.35
C HIS A 379 15.28 14.39 -7.86
N VAL A 380 15.45 14.99 -6.68
CA VAL A 380 14.49 15.93 -6.11
C VAL A 380 15.25 17.16 -5.67
N LYS A 381 14.74 18.34 -6.01
CA LYS A 381 15.41 19.59 -5.68
C LYS A 381 14.37 20.61 -5.25
N ILE A 382 14.55 21.18 -4.07
CA ILE A 382 13.67 22.22 -3.53
C ILE A 382 14.49 23.48 -3.36
N THR A 383 14.04 24.57 -3.97
CA THR A 383 14.73 25.85 -3.94
C THR A 383 13.75 26.95 -3.57
N TYR A 384 14.13 27.77 -2.59
CA TYR A 384 13.31 28.90 -2.16
C TYR A 384 14.05 30.20 -2.42
N ARG A 385 13.28 31.25 -2.69
CA ARG A 385 13.83 32.59 -2.87
C ARG A 385 13.29 33.50 -1.79
N ASP A 386 14.20 34.15 -1.07
CA ASP A 386 13.80 35.08 -0.02
C ASP A 386 13.02 36.24 -0.62
N GLY A 387 11.90 36.58 0.00
CA GLY A 387 11.06 37.66 -0.48
C GLY A 387 11.51 39.04 -0.05
N ARG A 388 12.60 39.15 0.69
CA ARG A 388 13.10 40.43 1.18
C ARG A 388 14.45 40.78 0.60
N THR A 389 15.44 39.88 0.70
CA THR A 389 16.78 40.14 0.20
C THR A 389 17.06 39.50 -1.15
N GLY A 390 16.22 38.56 -1.58
CA GLY A 390 16.41 37.90 -2.86
C GLY A 390 17.43 36.79 -2.87
N GLU A 391 17.93 36.37 -1.71
CA GLU A 391 18.91 35.29 -1.66
C GLU A 391 18.31 33.98 -2.10
N LEU A 392 19.14 33.12 -2.69
CA LEU A 392 18.73 31.81 -3.17
C LEU A 392 19.30 30.74 -2.24
N GLY A 393 18.45 29.80 -1.82
CA GLY A 393 18.88 28.72 -0.98
C GLY A 393 18.21 27.42 -1.39
N TYR A 394 18.77 26.32 -0.89
CA TYR A 394 18.26 24.99 -1.20
C TYR A 394 17.94 24.26 0.10
N LEU A 395 16.77 23.65 0.13
CA LEU A 395 16.30 22.89 1.28
C LEU A 395 16.60 21.40 1.08
N ASN A 396 16.84 20.72 2.18
CA ASN A 396 17.04 19.27 2.14
C ASN A 396 15.73 18.60 1.78
N PRO A 397 15.66 17.82 0.71
CA PRO A 397 14.38 17.26 0.26
C PRO A 397 13.74 16.36 1.31
N GLY A 398 12.53 16.72 1.73
CA GLY A 398 11.81 15.97 2.74
C GLY A 398 12.32 16.25 4.15
N VAL A 399 12.20 17.50 4.59
CA VAL A 399 12.76 17.88 5.89
C VAL A 399 11.77 17.61 7.01
N PHE A 400 10.61 18.28 6.97
CA PHE A 400 9.63 18.20 8.04
C PHE A 400 8.53 17.19 7.74
N THR A 401 8.83 16.15 6.96
CA THR A 401 7.85 15.14 6.59
C THR A 401 8.25 13.78 7.17
N GLN A 402 7.26 12.90 7.25
CA GLN A 402 7.46 11.54 7.74
C GLN A 402 7.16 10.50 6.67
N SER A 403 7.01 10.91 5.41
CA SER A 403 6.69 10.00 4.32
C SER A 403 7.42 10.47 3.07
N ARG A 404 7.17 9.78 1.95
CA ARG A 404 7.75 10.12 0.66
C ARG A 404 6.71 10.17 -0.45
N ARG A 405 5.42 10.11 -0.11
CA ARG A 405 4.37 10.05 -1.12
C ARG A 405 3.95 11.42 -1.63
N TRP A 406 4.51 12.51 -1.10
CA TRP A 406 4.17 13.85 -1.57
C TRP A 406 4.77 14.16 -2.93
N LYS A 407 5.69 13.33 -3.43
CA LYS A 407 6.38 13.59 -4.69
C LYS A 407 5.53 13.29 -5.91
N ASP A 408 4.40 12.60 -5.76
CA ASP A 408 3.61 12.14 -6.89
C ASP A 408 2.28 12.86 -7.04
N HIS A 409 1.83 13.60 -6.04
CA HIS A 409 0.51 14.20 -6.02
C HIS A 409 0.59 15.70 -5.87
N ALA A 410 -0.28 16.41 -6.57
CA ALA A 410 -0.27 17.87 -6.54
C ALA A 410 -0.90 18.42 -5.27
N ASP A 411 -1.92 17.75 -4.73
CA ASP A 411 -2.53 18.20 -3.48
C ASP A 411 -1.55 18.08 -2.32
N MET A 412 -0.82 16.96 -2.25
CA MET A 412 0.18 16.78 -1.21
C MET A 412 1.32 17.78 -1.37
N LEU A 413 1.70 18.07 -2.60
CA LEU A 413 2.73 19.07 -2.84
C LEU A 413 2.28 20.45 -2.39
N LYS A 414 1.02 20.79 -2.65
CA LYS A 414 0.49 22.07 -2.19
C LYS A 414 0.47 22.16 -0.67
N GLN A 415 0.06 21.06 -0.02
CA GLN A 415 0.07 21.04 1.44
C GLN A 415 1.47 21.19 2.00
N TYR A 416 2.45 20.50 1.40
CA TYR A 416 3.83 20.62 1.84
C TYR A 416 4.37 22.04 1.63
N ALA A 417 4.03 22.67 0.50
CA ALA A 417 4.48 24.03 0.26
C ALA A 417 3.89 25.00 1.28
N THR A 418 2.61 24.84 1.60
CA THR A 418 1.99 25.71 2.61
C THR A 418 2.63 25.49 3.99
N CYS A 419 2.90 24.24 4.34
CA CYS A 419 3.54 23.96 5.62
C CYS A 419 4.94 24.58 5.69
N LEU A 420 5.71 24.48 4.60
CA LEU A 420 7.03 25.10 4.57
C LEU A 420 6.92 26.61 4.65
N SER A 421 5.93 27.20 3.98
CA SER A 421 5.74 28.64 4.04
C SER A 421 5.44 29.10 5.47
N ARG A 422 4.66 28.31 6.21
CA ARG A 422 4.37 28.67 7.59
C ARG A 422 5.55 28.42 8.51
N LEU A 423 6.38 27.41 8.23
CA LEU A 423 7.44 27.02 9.14
C LEU A 423 8.76 27.75 8.92
N LEU A 424 9.03 28.21 7.71
CA LEU A 424 10.32 28.83 7.42
C LEU A 424 10.60 30.10 8.22
N PRO A 425 9.64 31.03 8.41
CA PRO A 425 9.95 32.25 9.19
C PRO A 425 10.58 31.99 10.55
N LYS A 426 10.38 30.80 11.12
CA LYS A 426 11.02 30.48 12.40
C LYS A 426 12.52 30.28 12.27
N TYR A 427 13.05 30.22 11.05
CA TYR A 427 14.49 30.04 10.82
C TYR A 427 15.12 31.26 10.16
N ASN A 428 14.64 32.45 10.51
CA ASN A 428 15.17 33.72 10.00
C ASN A 428 15.07 33.78 8.48
N VAL A 429 13.86 33.57 7.96
CA VAL A 429 13.57 33.67 6.53
C VAL A 429 12.27 34.45 6.39
N THR A 430 12.25 35.40 5.45
CA THR A 430 11.04 36.16 5.18
C THR A 430 10.07 35.28 4.39
N GLU A 431 9.02 35.87 3.84
CA GLU A 431 8.03 35.08 3.13
C GLU A 431 8.72 34.44 1.93
N PRO A 432 8.66 33.11 1.79
CA PRO A 432 9.40 32.46 0.72
C PRO A 432 8.57 32.18 -0.53
N GLN A 433 9.25 31.95 -1.65
CA GLN A 433 8.66 31.40 -2.86
C GLN A 433 9.39 30.11 -3.17
N ILE A 434 8.66 29.00 -3.22
CA ILE A 434 9.25 27.67 -3.27
C ILE A 434 8.98 27.05 -4.64
N TYR A 435 10.03 26.48 -5.24
CA TYR A 435 9.94 25.79 -6.52
C TYR A 435 10.41 24.36 -6.36
N PHE A 436 9.82 23.44 -7.13
CA PHE A 436 10.12 22.02 -7.04
C PHE A 436 10.61 21.50 -8.38
N ASP A 437 11.49 20.50 -8.33
CA ASP A 437 12.09 19.90 -9.53
C ASP A 437 12.26 18.42 -9.28
N ILE A 438 11.31 17.61 -9.73
CA ILE A 438 11.28 16.18 -9.45
C ILE A 438 11.27 15.42 -10.76
N TRP A 439 12.14 14.41 -10.86
CA TRP A 439 12.25 13.55 -12.04
C TRP A 439 11.74 12.16 -11.69
N VAL A 440 10.74 11.69 -12.43
CA VAL A 440 10.11 10.40 -12.17
C VAL A 440 10.03 9.62 -13.48
N SER A 441 10.31 8.31 -13.40
CA SER A 441 10.11 7.38 -14.51
C SER A 441 9.19 6.27 -14.06
N ILE A 442 8.10 6.06 -14.78
CA ILE A 442 7.06 5.12 -14.39
C ILE A 442 7.09 3.93 -15.34
N ASN A 443 7.17 2.72 -14.76
CA ASN A 443 7.18 1.47 -15.51
C ASN A 443 8.30 1.42 -16.55
N ASP A 444 9.52 1.71 -16.08
CA ASP A 444 10.73 1.59 -16.89
C ASP A 444 10.66 2.45 -18.16
N ARG A 445 10.28 3.70 -17.98
CA ARG A 445 10.23 4.67 -19.06
C ARG A 445 11.35 5.68 -18.91
N PHE A 446 11.38 6.65 -19.81
CA PHE A 446 12.30 7.77 -19.70
C PHE A 446 11.99 8.59 -18.45
N GLN A 447 13.04 9.14 -17.85
CA GLN A 447 12.87 10.05 -16.72
C GLN A 447 12.46 11.43 -17.24
N GLN A 448 11.50 12.05 -16.56
CA GLN A 448 11.03 13.36 -16.97
C GLN A 448 10.43 14.08 -15.76
N ARG A 449 10.27 15.40 -15.91
CA ARG A 449 9.67 16.21 -14.86
C ARG A 449 8.18 15.95 -14.77
N ILE A 450 7.67 15.92 -13.55
CA ILE A 450 6.26 15.67 -13.31
C ILE A 450 5.56 16.98 -13.00
N PHE A 451 6.28 17.94 -12.44
CA PHE A 451 5.75 19.26 -12.12
C PHE A 451 6.59 20.34 -12.80
N ASP A 452 5.94 21.46 -13.09
CA ASP A 452 6.62 22.58 -13.72
C ASP A 452 7.61 23.21 -12.73
N PRO A 453 8.88 23.37 -13.11
CA PRO A 453 9.87 23.94 -12.18
C PRO A 453 9.91 25.47 -12.16
N ARG A 454 9.07 26.13 -12.94
CA ARG A 454 9.05 27.60 -13.01
C ARG A 454 7.88 28.20 -12.26
N VAL A 455 7.13 27.39 -11.50
CA VAL A 455 5.89 27.82 -10.87
C VAL A 455 6.10 27.84 -9.36
N ASP A 456 5.73 28.94 -8.72
CA ASP A 456 5.79 29.07 -7.28
C ASP A 456 4.56 28.38 -6.68
N ILE A 457 4.78 27.25 -6.00
CA ILE A 457 3.67 26.43 -5.54
C ILE A 457 2.89 27.09 -4.40
N VAL A 458 3.50 28.05 -3.69
CA VAL A 458 2.80 28.69 -2.58
C VAL A 458 1.58 29.46 -3.08
N GLN A 459 1.73 30.15 -4.21
CA GLN A 459 0.65 30.97 -4.76
C GLN A 459 -0.06 30.31 -5.93
N ALA A 460 0.17 29.02 -6.17
CA ALA A 460 -0.49 28.33 -7.26
C ALA A 460 -1.97 28.10 -6.92
N ALA A 461 -2.73 27.69 -7.93
CA ALA A 461 -4.16 27.47 -7.80
C ALA A 461 -4.46 25.98 -7.88
N TRP A 462 -5.18 25.46 -6.89
CA TRP A 462 -5.57 24.06 -6.85
C TRP A 462 -7.00 23.95 -6.35
N SER A 463 -7.80 23.13 -7.02
CA SER A 463 -9.19 22.89 -6.62
C SER A 463 -9.51 21.42 -6.82
N PRO A 464 -10.34 20.84 -5.96
CA PRO A 464 -10.64 19.40 -6.07
C PRO A 464 -11.35 19.00 -7.35
N PHE A 465 -12.12 19.91 -7.96
CA PHE A 465 -12.93 19.58 -9.13
C PHE A 465 -12.42 20.25 -10.40
N GLN A 466 -11.16 20.69 -10.40
CA GLN A 466 -10.56 21.31 -11.57
C GLN A 466 -9.23 20.64 -11.87
N ARG A 467 -8.96 20.40 -13.16
CA ARG A 467 -7.72 19.76 -13.56
C ARG A 467 -6.54 20.69 -13.30
N THR A 468 -5.48 20.15 -12.69
CA THR A 468 -4.33 20.95 -12.33
C THR A 468 -3.57 21.41 -13.57
N SER A 469 -3.10 22.66 -13.54
CA SER A 469 -2.46 23.27 -14.70
C SER A 469 -0.95 23.10 -14.71
N TRP A 470 -0.32 22.93 -13.54
CA TRP A 470 1.13 22.84 -13.45
C TRP A 470 1.62 21.40 -13.31
N VAL A 471 0.96 20.44 -13.96
CA VAL A 471 1.39 19.05 -13.98
C VAL A 471 1.75 18.69 -15.42
N GLN A 472 2.98 18.23 -15.62
CA GLN A 472 3.46 17.93 -16.96
C GLN A 472 2.87 16.63 -17.45
N PRO A 473 2.37 16.56 -18.70
CA PRO A 473 1.81 15.32 -19.21
C PRO A 473 2.87 14.25 -19.42
N LEU A 474 2.45 13.00 -19.27
CA LEU A 474 3.34 11.87 -19.50
C LEU A 474 3.55 11.68 -20.99
N LEU A 475 4.81 11.54 -21.40
CA LEU A 475 5.15 11.37 -22.81
C LEU A 475 4.84 9.93 -23.20
N MET A 476 3.62 9.70 -23.69
CA MET A 476 3.17 8.36 -24.00
C MET A 476 3.77 7.83 -25.30
N ASP A 477 4.11 8.70 -26.25
CA ASP A 477 4.66 8.26 -27.52
C ASP A 477 6.18 8.09 -27.45
N LEU A 478 6.64 7.44 -26.39
CA LEU A 478 8.02 7.03 -26.26
C LEU A 478 8.16 5.63 -25.67
N SER A 479 7.05 4.99 -25.32
CA SER A 479 7.11 3.62 -24.81
C SER A 479 7.73 2.62 -25.78
N PRO A 480 7.45 2.64 -27.09
CA PRO A 480 8.11 1.70 -28.00
C PRO A 480 9.63 1.80 -28.02
N TRP A 481 10.23 2.75 -27.30
CA TRP A 481 11.68 2.82 -27.17
C TRP A 481 12.23 1.87 -26.12
N ARG A 482 11.36 1.18 -25.37
CA ARG A 482 11.82 0.43 -24.21
C ARG A 482 12.66 -0.77 -24.60
N ALA A 483 12.38 -1.41 -25.73
CA ALA A 483 13.20 -2.53 -26.17
C ALA A 483 14.63 -2.09 -26.47
N LYS A 484 14.78 -0.96 -27.18
CA LYS A 484 16.11 -0.44 -27.46
C LYS A 484 16.81 0.01 -26.17
N LEU A 485 16.05 0.61 -25.24
CA LEU A 485 16.64 0.99 -23.97
C LEU A 485 17.17 -0.22 -23.21
N GLN A 486 16.39 -1.31 -23.20
CA GLN A 486 16.82 -2.53 -22.53
C GLN A 486 18.06 -3.11 -23.19
N GLU A 487 18.09 -3.11 -24.53
CA GLU A 487 19.26 -3.62 -25.23
C GLU A 487 20.51 -2.80 -24.92
N ILE A 488 20.38 -1.47 -24.92
CA ILE A 488 21.52 -0.61 -24.60
C ILE A 488 21.98 -0.84 -23.17
N LYS A 489 21.04 -0.94 -22.23
CA LYS A 489 21.41 -1.18 -20.84
C LYS A 489 22.13 -2.51 -20.67
N SER A 490 21.66 -3.55 -21.37
CA SER A 490 22.29 -4.86 -21.25
C SER A 490 23.69 -4.86 -21.87
N SER A 491 23.87 -4.15 -22.97
CA SER A 491 25.18 -4.09 -23.64
C SER A 491 26.08 -3.07 -22.94
N LEU A 492 26.52 -3.44 -21.74
CA LEU A 492 27.37 -2.60 -20.92
C LEU A 492 28.39 -3.45 -20.18
N ASP A 493 29.29 -2.80 -19.47
CA ASP A 493 30.32 -3.47 -18.69
C ASP A 493 29.82 -3.67 -17.26
N ASN A 494 30.72 -4.07 -16.36
CA ASN A 494 30.40 -4.22 -14.95
C ASN A 494 30.74 -2.99 -14.12
N HIS A 495 31.18 -1.91 -14.76
CA HIS A 495 31.59 -0.71 -14.06
C HIS A 495 30.82 0.54 -14.46
N THR A 496 30.12 0.53 -15.59
CA THR A 496 29.43 1.70 -16.10
C THR A 496 27.96 1.70 -15.71
N GLU A 497 27.37 2.89 -15.74
CA GLU A 497 25.95 3.07 -15.49
C GLU A 497 25.38 4.03 -16.53
N VAL A 498 24.07 3.91 -16.77
CA VAL A 498 23.40 4.67 -17.81
C VAL A 498 22.12 5.26 -17.24
N VAL A 499 21.86 6.54 -17.54
CA VAL A 499 20.64 7.23 -17.13
C VAL A 499 19.96 7.77 -18.38
N PHE A 500 18.68 7.48 -18.54
CA PHE A 500 17.90 7.92 -19.69
C PHE A 500 17.01 9.09 -19.30
N ILE A 501 17.04 10.15 -20.09
CA ILE A 501 16.38 11.42 -19.75
C ILE A 501 15.64 11.94 -20.98
N ALA A 502 14.40 12.37 -20.79
CA ALA A 502 13.61 13.03 -21.83
C ALA A 502 13.17 14.39 -21.32
N ASP A 503 13.40 15.43 -22.11
CA ASP A 503 13.19 16.81 -21.68
C ASP A 503 12.22 17.52 -22.61
N PHE A 504 11.39 18.38 -22.02
CA PHE A 504 10.44 19.18 -22.77
C PHE A 504 11.14 20.38 -23.41
N PRO A 505 10.65 20.85 -24.56
CA PRO A 505 11.23 22.03 -25.18
C PRO A 505 11.03 23.27 -24.33
N GLY A 506 12.02 24.17 -24.38
CA GLY A 506 11.98 25.41 -23.65
C GLY A 506 12.55 25.36 -22.25
N LEU A 507 12.86 24.18 -21.73
CA LEU A 507 13.45 24.03 -20.41
C LEU A 507 14.89 23.54 -20.53
N HIS A 508 15.64 23.71 -19.45
CA HIS A 508 17.04 23.30 -19.41
C HIS A 508 17.33 22.56 -18.11
N LEU A 509 18.34 21.72 -18.15
CA LEU A 509 18.78 20.94 -17.00
C LEU A 509 20.19 21.38 -16.62
N GLU A 510 20.37 21.75 -15.35
CA GLU A 510 21.67 22.13 -14.82
C GLU A 510 22.17 21.02 -13.90
N ASN A 511 23.39 20.55 -14.17
CA ASN A 511 23.97 19.43 -13.44
C ASN A 511 25.38 19.77 -12.99
N PHE A 512 25.78 19.17 -11.88
CA PHE A 512 27.13 19.32 -11.34
C PHE A 512 27.75 17.94 -11.21
N VAL A 513 28.75 17.66 -12.03
CA VAL A 513 29.40 16.36 -12.02
C VAL A 513 30.37 16.28 -10.85
N SER A 514 30.28 15.21 -10.08
CA SER A 514 31.14 15.03 -8.92
C SER A 514 32.58 14.76 -9.35
N GLU A 515 33.50 14.96 -8.41
CA GLU A 515 34.92 14.75 -8.70
C GLU A 515 35.20 13.28 -9.00
N ASP A 516 34.59 12.37 -8.25
CA ASP A 516 34.83 10.95 -8.46
C ASP A 516 34.23 10.44 -9.76
N LEU A 517 33.40 11.22 -10.43
CA LEU A 517 32.73 10.77 -11.66
C LEU A 517 33.54 11.13 -12.90
N GLY A 518 34.74 10.58 -12.96
CA GLY A 518 35.56 10.74 -14.15
C GLY A 518 35.03 9.92 -15.31
N ASN A 519 35.37 10.36 -16.53
CA ASN A 519 34.94 9.71 -17.76
C ASN A 519 33.41 9.64 -17.84
N THR A 520 32.79 10.81 -17.92
CA THR A 520 31.35 10.94 -18.14
C THR A 520 31.09 11.56 -19.50
N SER A 521 30.02 11.10 -20.15
CA SER A 521 29.71 11.56 -21.49
C SER A 521 28.20 11.56 -21.68
N ILE A 522 27.75 12.35 -22.66
CA ILE A 522 26.35 12.47 -23.02
C ILE A 522 26.20 12.12 -24.49
N GLN A 523 25.25 11.23 -24.79
CA GLN A 523 24.97 10.82 -26.16
C GLN A 523 23.50 11.09 -26.47
N LEU A 524 23.26 11.66 -27.66
CA LEU A 524 21.93 12.08 -28.05
C LEU A 524 21.24 10.99 -28.86
N LEU A 525 19.97 10.72 -28.53
CA LEU A 525 19.18 9.70 -29.21
C LEU A 525 18.12 10.27 -30.14
N GLN A 526 17.43 11.34 -29.76
CA GLN A 526 16.40 11.92 -30.60
C GLN A 526 16.36 13.43 -30.35
N GLY A 527 15.84 14.15 -31.33
CA GLY A 527 15.79 15.59 -31.21
C GLY A 527 17.17 16.22 -31.34
N GLU A 528 17.28 17.45 -30.82
CA GLU A 528 18.54 18.17 -30.83
C GLU A 528 18.66 19.00 -29.56
N VAL A 529 19.83 18.94 -28.94
CA VAL A 529 20.11 19.68 -27.71
C VAL A 529 21.45 20.38 -27.86
N THR A 530 21.65 21.40 -27.03
CA THR A 530 22.91 22.14 -26.96
C THR A 530 23.45 22.08 -25.54
N VAL A 531 24.73 21.78 -25.40
CA VAL A 531 25.38 21.62 -24.11
C VAL A 531 26.32 22.81 -23.89
N GLU A 532 26.19 23.46 -22.75
CA GLU A 532 26.97 24.64 -22.41
C GLU A 532 27.83 24.35 -21.19
N LEU A 533 29.10 24.72 -21.26
CA LEU A 533 30.01 24.58 -20.13
C LEU A 533 30.11 25.92 -19.40
N VAL A 534 29.80 25.91 -18.11
CA VAL A 534 29.68 27.15 -17.34
C VAL A 534 31.05 27.82 -17.21
N ALA A 535 32.09 27.04 -16.93
CA ALA A 535 33.42 27.61 -16.73
C ALA A 535 33.92 28.30 -17.99
N GLU A 536 34.10 27.54 -19.07
CA GLU A 536 34.48 28.09 -20.37
C GLU A 536 33.19 28.36 -21.13
N GLN A 537 32.74 29.62 -21.11
CA GLN A 537 31.44 29.99 -21.66
C GLN A 537 31.41 29.75 -23.17
N LYS A 538 30.71 28.69 -23.58
CA LYS A 538 30.58 28.35 -24.99
C LYS A 538 29.47 27.31 -25.13
N ASN A 539 28.74 27.41 -26.24
CA ASN A 539 27.68 26.47 -26.57
C ASN A 539 28.18 25.47 -27.61
N GLN A 540 27.65 24.26 -27.55
CA GLN A 540 27.95 23.23 -28.53
C GLN A 540 26.67 22.49 -28.89
N THR A 541 26.40 22.38 -30.18
CA THR A 541 25.18 21.75 -30.67
C THR A 541 25.43 20.27 -30.95
N LEU A 542 24.39 19.46 -30.74
CA LEU A 542 24.46 18.02 -30.92
C LEU A 542 23.41 17.54 -31.90
N ARG A 543 23.73 16.48 -32.63
CA ARG A 543 22.82 15.83 -33.55
C ARG A 543 22.67 14.36 -33.16
N GLU A 544 21.68 13.71 -33.79
CA GLU A 544 21.33 12.34 -33.42
C GLU A 544 22.48 11.39 -33.75
N GLY A 545 23.15 10.88 -32.73
CA GLY A 545 24.18 9.88 -32.93
C GLY A 545 25.50 10.18 -32.26
N GLU A 546 25.90 11.45 -32.24
CA GLU A 546 27.20 11.81 -31.71
C GLU A 546 27.17 11.91 -30.18
N LYS A 547 28.36 11.91 -29.59
CA LYS A 547 28.51 11.99 -28.15
C LYS A 547 29.64 12.97 -27.82
N MET A 548 29.56 13.53 -26.61
CA MET A 548 30.55 14.48 -26.13
C MET A 548 30.93 14.12 -24.70
N GLN A 549 32.21 14.29 -24.38
CA GLN A 549 32.73 14.02 -23.06
C GLN A 549 32.70 15.29 -22.21
N LEU A 550 32.27 15.15 -20.95
CA LEU A 550 32.12 16.28 -20.05
C LEU A 550 33.17 16.23 -18.94
N PRO A 551 33.59 17.40 -18.45
CA PRO A 551 34.61 17.43 -17.39
C PRO A 551 34.01 17.09 -16.03
N ALA A 552 34.90 16.85 -15.07
CA ALA A 552 34.52 16.50 -13.71
C ALA A 552 34.68 17.72 -12.80
N GLY A 553 33.78 17.83 -11.83
CA GLY A 553 33.82 18.96 -10.91
C GLY A 553 33.52 20.29 -11.53
N GLU A 554 32.62 20.34 -12.52
CA GLU A 554 32.24 21.58 -13.18
C GLU A 554 30.75 21.56 -13.46
N TYR A 555 30.17 22.75 -13.59
CA TYR A 555 28.76 22.90 -13.94
C TYR A 555 28.60 22.86 -15.45
N HIS A 556 27.59 22.12 -15.91
CA HIS A 556 27.24 22.14 -17.32
C HIS A 556 25.72 22.17 -17.44
N LYS A 557 25.24 22.81 -18.50
CA LYS A 557 23.81 23.01 -18.73
C LYS A 557 23.42 22.41 -20.07
N VAL A 558 22.26 21.77 -20.12
CA VAL A 558 21.74 21.15 -21.32
C VAL A 558 20.46 21.87 -21.71
N TYR A 559 20.43 22.43 -22.90
CA TYR A 559 19.29 23.20 -23.39
C TYR A 559 18.58 22.40 -24.49
N THR A 560 17.25 22.35 -24.41
CA THR A 560 16.44 21.68 -25.42
C THR A 560 15.91 22.73 -26.40
N THR A 561 16.23 22.57 -27.67
CA THR A 561 15.85 23.55 -28.70
C THR A 561 14.90 23.01 -29.75
N SER A 562 14.71 21.70 -29.84
CA SER A 562 13.80 21.15 -30.83
C SER A 562 12.36 21.49 -30.47
N PRO A 563 11.49 21.67 -31.47
CA PRO A 563 10.07 21.91 -31.18
C PRO A 563 9.38 20.73 -30.51
N SER A 564 9.92 19.53 -30.63
CA SER A 564 9.39 18.32 -30.03
C SER A 564 10.29 17.84 -28.91
N PRO A 565 9.77 17.03 -27.98
CA PRO A 565 10.61 16.52 -26.89
C PRO A 565 11.80 15.72 -27.42
N SER A 566 12.92 15.84 -26.73
CA SER A 566 14.16 15.18 -27.12
C SER A 566 14.67 14.34 -25.96
N CYS A 567 15.32 13.23 -26.30
CA CYS A 567 15.83 12.29 -25.31
C CYS A 567 17.31 12.02 -25.55
N TYR A 568 18.07 11.93 -24.47
CA TYR A 568 19.49 11.60 -24.52
C TYR A 568 19.78 10.65 -23.36
N MET A 569 21.07 10.38 -23.13
CA MET A 569 21.44 9.46 -22.06
C MET A 569 22.82 9.85 -21.53
N TYR A 570 23.08 9.40 -20.30
CA TYR A 570 24.33 9.67 -19.59
C TYR A 570 25.09 8.38 -19.38
N VAL A 571 26.38 8.38 -19.67
CA VAL A 571 27.26 7.25 -19.40
C VAL A 571 28.41 7.75 -18.52
N TYR A 572 28.53 7.19 -17.32
CA TYR A 572 29.52 7.65 -16.36
C TYR A 572 30.15 6.48 -15.64
N VAL A 573 31.38 6.68 -15.16
CA VAL A 573 32.13 5.66 -14.44
C VAL A 573 32.65 6.27 -13.14
N ASN A 574 32.62 5.48 -12.07
CA ASN A 574 33.21 5.88 -10.79
C ASN A 574 34.67 5.46 -10.80
N THR A 575 35.55 6.39 -11.18
CA THR A 575 36.97 6.08 -11.27
C THR A 575 37.54 5.72 -9.90
N THR A 576 37.17 6.47 -8.86
CA THR A 576 37.65 6.17 -7.52
C THR A 576 37.20 4.79 -7.07
N GLU A 577 35.95 4.44 -7.36
CA GLU A 577 35.42 3.14 -6.95
C GLU A 577 36.20 2.00 -7.61
N LEU A 578 36.40 2.09 -8.93
CA LEU A 578 37.11 1.02 -9.63
C LEU A 578 38.56 0.93 -9.19
N ALA A 579 39.22 2.09 -8.97
CA ALA A 579 40.59 2.06 -8.48
C ALA A 579 40.68 1.43 -7.10
N LEU A 580 39.75 1.77 -6.21
CA LEU A 580 39.74 1.21 -4.87
C LEU A 580 39.55 -0.30 -4.93
N GLU A 581 38.60 -0.77 -5.73
CA GLU A 581 38.36 -2.21 -5.83
C GLU A 581 39.55 -2.94 -6.43
N GLN A 582 40.18 -2.36 -7.46
CA GLN A 582 41.31 -3.05 -8.08
C GLN A 582 42.50 -3.12 -7.14
N ASP A 583 42.79 -2.05 -6.40
CA ASP A 583 43.90 -2.11 -5.47
C ASP A 583 43.60 -3.04 -4.31
N LEU A 584 42.34 -3.06 -3.85
CA LEU A 584 41.96 -3.99 -2.79
C LEU A 584 42.14 -5.43 -3.23
N ALA A 585 41.70 -5.75 -4.45
CA ALA A 585 41.86 -7.11 -4.97
C ALA A 585 43.32 -7.47 -5.13
N TYR A 586 44.14 -6.54 -5.64
CA TYR A 586 45.56 -6.82 -5.80
C TYR A 586 46.22 -7.08 -4.45
N LEU A 587 45.91 -6.25 -3.45
CA LEU A 587 46.50 -6.43 -2.13
C LEU A 587 46.05 -7.74 -1.49
N GLN A 588 44.76 -8.07 -1.63
CA GLN A 588 44.26 -9.33 -1.08
C GLN A 588 44.93 -10.53 -1.74
N GLU A 589 45.08 -10.50 -3.07
CA GLU A 589 45.75 -11.59 -3.77
C GLU A 589 47.21 -11.71 -3.32
N LEU A 590 47.90 -10.58 -3.19
CA LEU A 590 49.29 -10.61 -2.76
C LEU A 590 49.41 -11.17 -1.34
N LYS A 591 48.53 -10.74 -0.44
CA LYS A 591 48.58 -11.24 0.93
C LYS A 591 48.27 -12.73 1.00
N GLU A 592 47.29 -13.18 0.22
CA GLU A 592 46.97 -14.61 0.20
C GLU A 592 48.13 -15.42 -0.35
N LYS A 593 48.79 -14.93 -1.40
CA LYS A 593 49.94 -15.64 -1.95
C LYS A 593 51.09 -15.67 -0.95
N VAL A 594 51.31 -14.57 -0.24
CA VAL A 594 52.38 -14.53 0.76
C VAL A 594 52.10 -15.52 1.89
N GLU A 595 50.87 -15.53 2.38
CA GLU A 595 50.51 -16.45 3.47
C GLU A 595 50.61 -17.90 3.02
N ASN A 596 50.14 -18.20 1.80
CA ASN A 596 50.21 -19.56 1.25
C ASN A 596 51.47 -19.71 0.39
N GLY A 597 52.61 -19.48 1.02
CA GLY A 597 53.88 -19.57 0.33
C GLY A 597 54.57 -18.23 0.16
N PRO A 623 42.34 0.53 6.14
CA PRO A 623 40.89 0.47 6.29
C PRO A 623 40.21 -0.29 5.15
N LEU A 624 40.87 -0.36 3.99
CA LEU A 624 40.34 -1.14 2.88
C LEU A 624 40.30 -2.62 3.22
N VAL A 625 41.33 -3.12 3.89
CA VAL A 625 41.33 -4.51 4.36
C VAL A 625 40.19 -4.72 5.35
N GLN A 626 39.95 -3.73 6.21
CA GLN A 626 38.84 -3.83 7.16
C GLN A 626 37.50 -3.87 6.46
N THR A 627 37.34 -3.08 5.39
CA THR A 627 36.10 -3.10 4.62
C THR A 627 35.90 -4.46 3.95
N PHE A 628 36.97 -5.01 3.37
CA PHE A 628 36.87 -6.33 2.76
C PHE A 628 36.52 -7.38 3.80
N LEU A 629 37.13 -7.30 4.99
CA LEU A 629 36.87 -8.28 6.03
C LEU A 629 35.45 -8.16 6.58
N ARG A 630 34.93 -6.94 6.70
CA ARG A 630 33.56 -6.80 7.19
C ARG A 630 32.54 -7.24 6.14
N ARG A 631 32.83 -7.01 4.85
CA ARG A 631 31.97 -7.57 3.81
C ARG A 631 31.99 -9.09 3.84
N GLN A 632 33.17 -9.68 4.03
CA GLN A 632 33.28 -11.13 4.16
C GLN A 632 32.52 -11.63 5.38
N GLN A 633 32.57 -10.88 6.49
CA GLN A 633 31.84 -11.26 7.68
C GLN A 633 30.34 -11.20 7.45
N ARG A 634 29.86 -10.18 6.73
CA ARG A 634 28.45 -10.12 6.37
C ARG A 634 28.04 -11.31 5.51
N LEU A 635 28.88 -11.67 4.54
CA LEU A 635 28.59 -12.83 3.70
C LEU A 635 28.58 -14.11 4.53
N GLN A 636 29.50 -14.24 5.47
CA GLN A 636 29.55 -15.42 6.33
C GLN A 636 28.29 -15.50 7.21
N GLU A 637 27.85 -14.36 7.75
CA GLU A 637 26.62 -14.35 8.52
C GLU A 637 25.43 -14.75 7.66
N ILE A 638 25.37 -14.25 6.43
CA ILE A 638 24.27 -14.61 5.53
C ILE A 638 24.27 -16.10 5.23
N GLU A 639 25.45 -16.66 4.94
CA GLU A 639 25.52 -18.08 4.62
C GLU A 639 25.23 -18.94 5.84
N ARG A 640 25.62 -18.49 7.04
CA ARG A 640 25.31 -19.25 8.25
C ARG A 640 23.82 -19.21 8.56
N ARG A 641 23.17 -18.07 8.32
CA ARG A 641 21.72 -18.01 8.49
C ARG A 641 21.02 -18.87 7.44
N ARG A 642 21.59 -18.97 6.24
CA ARG A 642 21.03 -19.88 5.24
C ARG A 642 21.18 -21.33 5.68
N ASN A 643 22.34 -21.69 6.23
CA ASN A 643 22.59 -23.08 6.59
C ASN A 643 21.78 -23.51 7.81
N THR A 644 21.61 -22.62 8.78
CA THR A 644 20.89 -22.98 9.99
C THR A 644 19.42 -23.25 9.69
N PRO A 645 18.78 -24.14 10.45
CA PRO A 645 17.37 -24.46 10.17
C PRO A 645 16.42 -23.31 10.45
N PHE A 646 15.12 -23.57 10.28
CA PHE A 646 14.10 -22.53 10.40
C PHE A 646 13.67 -22.26 11.83
N HIS A 647 14.03 -23.11 12.79
CA HIS A 647 13.51 -22.95 14.14
C HIS A 647 14.13 -21.75 14.86
N GLU A 648 15.41 -21.44 14.60
CA GLU A 648 15.99 -20.23 15.16
C GLU A 648 15.31 -18.98 14.59
N ARG A 649 15.01 -18.99 13.28
CA ARG A 649 14.29 -17.87 12.69
C ARG A 649 12.91 -17.72 13.30
N PHE A 650 12.22 -18.84 13.52
CA PHE A 650 10.90 -18.78 14.14
C PHE A 650 10.99 -18.23 15.56
N PHE A 651 11.99 -18.65 16.32
CA PHE A 651 12.18 -18.12 17.67
C PHE A 651 12.43 -16.62 17.64
N ARG A 652 13.28 -16.16 16.73
CA ARG A 652 13.57 -14.73 16.64
C ARG A 652 12.34 -13.93 16.24
N PHE A 653 11.56 -14.46 15.29
CA PHE A 653 10.33 -13.78 14.87
C PHE A 653 9.34 -13.68 16.02
N LEU A 654 9.17 -14.76 16.78
CA LEU A 654 8.29 -14.72 17.94
C LEU A 654 8.78 -13.73 18.98
N LEU A 655 10.11 -13.68 19.18
CA LEU A 655 10.66 -12.73 20.15
C LEU A 655 10.38 -11.29 19.74
N ARG A 656 10.56 -10.98 18.45
CA ARG A 656 10.29 -9.62 17.98
C ARG A 656 8.82 -9.26 18.15
N LYS A 657 7.92 -10.19 17.80
CA LYS A 657 6.50 -9.90 17.97
C LYS A 657 6.14 -9.69 19.43
N LEU A 658 6.69 -10.52 20.32
CA LEU A 658 6.42 -10.36 21.75
C LEU A 658 6.94 -9.02 22.25
N TYR A 659 8.12 -8.61 21.76
CA TYR A 659 8.67 -7.32 22.18
C TYR A 659 7.76 -6.18 21.75
N VAL A 660 7.27 -6.21 20.51
CA VAL A 660 6.43 -5.11 20.04
C VAL A 660 5.11 -5.07 20.82
N PHE A 661 4.52 -6.23 21.10
CA PHE A 661 3.28 -6.26 21.87
C PHE A 661 3.50 -5.73 23.28
N ARG A 662 4.58 -6.15 23.93
CA ARG A 662 4.87 -5.69 25.28
C ARG A 662 5.11 -4.19 25.32
N ARG A 663 5.85 -3.66 24.34
CA ARG A 663 6.12 -2.23 24.31
C ARG A 663 4.83 -1.44 24.16
N SER A 664 3.96 -1.86 23.24
CA SER A 664 2.69 -1.16 23.06
C SER A 664 1.85 -1.20 24.34
N PHE A 665 1.79 -2.36 25.00
CA PHE A 665 1.00 -2.48 26.22
C PHE A 665 1.53 -1.57 27.32
N LEU A 666 2.85 -1.56 27.53
CA LEU A 666 3.42 -0.74 28.60
C LEU A 666 3.22 0.75 28.32
N MET A 667 3.45 1.20 27.09
CA MET A 667 3.24 2.63 26.81
C MET A 667 1.78 3.01 26.96
N THR A 668 0.86 2.14 26.54
CA THR A 668 -0.56 2.43 26.72
C THR A 668 -0.92 2.55 28.19
N CYS A 669 -0.40 1.64 29.03
CA CYS A 669 -0.66 1.73 30.47
C CYS A 669 -0.10 3.02 31.05
N ILE A 670 1.11 3.40 30.64
CA ILE A 670 1.73 4.62 31.16
C ILE A 670 0.87 5.83 30.81
N SER A 671 0.44 5.93 29.55
CA SER A 671 -0.36 7.07 29.14
C SER A 671 -1.72 7.09 29.81
N LEU A 672 -2.33 5.91 30.02
CA LEU A 672 -3.61 5.85 30.71
C LEU A 672 -3.47 6.30 32.16
N ARG A 673 -2.41 5.88 32.84
CA ARG A 673 -2.17 6.34 34.20
C ARG A 673 -1.97 7.85 34.23
N ASN A 674 -1.21 8.39 33.29
CA ASN A 674 -0.98 9.83 33.23
C ASN A 674 -2.31 10.56 33.04
N LEU A 675 -3.15 10.06 32.14
CA LEU A 675 -4.43 10.71 31.89
C LEU A 675 -5.34 10.66 33.12
N ILE A 676 -5.39 9.53 33.81
CA ILE A 676 -6.33 9.37 34.92
C ILE A 676 -5.86 10.19 36.13
N LEU A 677 -4.60 10.06 36.51
CA LEU A 677 -4.09 10.71 37.71
C LEU A 677 -3.40 12.04 37.39
N GLY A 678 -2.35 12.01 36.57
CA GLY A 678 -1.58 13.20 36.28
C GLY A 678 -0.09 12.91 36.18
N ARG A 679 0.67 13.86 35.67
CA ARG A 679 2.10 13.65 35.48
C ARG A 679 2.80 13.59 36.83
N PRO A 680 3.35 12.44 37.24
CA PRO A 680 3.97 12.35 38.57
C PRO A 680 5.24 13.19 38.70
N SER A 681 6.19 12.97 37.82
CA SER A 681 7.48 13.66 37.84
C SER A 681 8.26 13.25 36.59
N LEU A 682 9.23 14.09 36.21
CA LEU A 682 10.04 13.78 35.04
C LEU A 682 10.97 12.59 35.30
N GLU A 683 11.47 12.46 36.54
CA GLU A 683 12.38 11.36 36.85
C GLU A 683 11.67 10.02 36.74
N GLN A 684 10.49 9.90 37.37
CA GLN A 684 9.73 8.66 37.30
C GLN A 684 9.33 8.35 35.86
N LEU A 685 8.95 9.38 35.10
CA LEU A 685 8.62 9.17 33.69
C LEU A 685 9.80 8.61 32.92
N ALA A 686 10.99 9.16 33.16
CA ALA A 686 12.18 8.62 32.51
C ALA A 686 12.44 7.18 32.90
N GLN A 687 12.25 6.85 34.19
CA GLN A 687 12.47 5.48 34.64
C GLN A 687 11.51 4.52 33.96
N GLU A 688 10.21 4.86 33.91
CA GLU A 688 9.27 3.95 33.28
C GLU A 688 9.50 3.83 31.78
N VAL A 689 9.86 4.94 31.12
CA VAL A 689 10.14 4.88 29.69
C VAL A 689 11.33 3.98 29.42
N THR A 690 12.39 4.10 30.23
CA THR A 690 13.55 3.23 30.07
C THR A 690 13.17 1.77 30.35
N TYR A 691 12.26 1.55 31.30
CA TYR A 691 11.81 0.18 31.57
C TYR A 691 11.02 -0.39 30.39
N ALA A 692 10.26 0.45 29.68
CA ALA A 692 9.38 -0.01 28.63
C ALA A 692 10.13 -0.48 27.38
N ASN A 693 11.43 -0.23 27.29
CA ASN A 693 12.20 -0.65 26.12
C ASN A 693 13.32 -1.61 26.51
N LEU A 694 12.99 -2.59 27.34
CA LEU A 694 14.01 -3.44 27.95
C LEU A 694 14.48 -4.58 27.06
N ARG A 695 13.78 -4.87 25.96
CA ARG A 695 14.13 -5.98 25.08
C ARG A 695 14.22 -7.28 25.88
N PRO A 696 13.07 -7.88 26.27
CA PRO A 696 13.06 -8.95 27.28
C PRO A 696 14.15 -9.99 27.15
N PHE A 697 14.21 -10.70 26.01
CA PHE A 697 15.20 -11.74 25.80
C PHE A 697 15.91 -11.47 24.47
N GLU A 698 17.23 -11.53 24.50
CA GLU A 698 18.04 -11.28 23.31
C GLU A 698 19.25 -12.20 23.26
N ALA B 1 20.62 22.32 10.06
CA ALA B 1 20.72 20.98 9.51
C ALA B 1 19.65 20.73 8.45
N ASN B 2 19.23 21.81 7.77
CA ASN B 2 18.22 21.69 6.73
C ASN B 2 18.52 22.53 5.50
N PHE B 3 19.79 22.92 5.30
CA PHE B 3 20.19 23.74 4.17
C PHE B 3 21.29 23.03 3.40
N LEU B 4 21.21 23.09 2.07
CA LEU B 4 22.25 22.56 1.20
C LEU B 4 22.96 23.72 0.50
N SER B 5 23.94 23.38 -0.33
CA SER B 5 24.59 24.36 -1.20
C SER B 5 24.36 23.96 -2.65
N LYS B 6 24.80 24.83 -3.57
CA LYS B 6 24.55 24.58 -4.98
C LYS B 6 25.21 23.29 -5.45
N GLN B 7 26.36 22.93 -4.86
CA GLN B 7 27.10 21.76 -5.31
C GLN B 7 26.34 20.47 -5.02
N GLN B 8 25.89 20.30 -3.77
CA GLN B 8 25.21 19.05 -3.42
C GLN B 8 23.80 19.00 -3.98
N ALA B 9 23.16 20.15 -4.13
CA ALA B 9 21.78 20.17 -4.61
C ALA B 9 21.68 19.75 -6.07
N SER B 10 22.68 20.10 -6.88
CA SER B 10 22.59 19.90 -8.32
C SER B 10 23.11 18.56 -8.79
N GLN B 11 23.59 17.70 -7.89
CA GLN B 11 24.08 16.39 -8.30
C GLN B 11 22.93 15.49 -8.75
N VAL B 12 22.87 15.21 -10.05
CA VAL B 12 21.81 14.35 -10.57
C VAL B 12 22.27 12.89 -10.61
N LEU B 13 23.53 12.65 -10.98
CA LEU B 13 24.07 11.30 -11.10
C LEU B 13 24.60 10.85 -9.74
N VAL B 14 23.82 10.05 -9.03
CA VAL B 14 24.23 9.55 -7.72
C VAL B 14 24.42 8.04 -7.75
N SER B 21 12.64 0.73 -8.05
CA SER B 21 11.20 0.71 -8.21
C SER B 21 10.52 0.40 -6.88
N ALA B 22 9.33 0.95 -6.67
CA ALA B 22 8.61 0.75 -5.42
C ALA B 22 7.12 0.81 -5.70
N LEU B 23 6.34 0.09 -4.89
CA LEU B 23 4.90 0.02 -5.00
C LEU B 23 4.25 0.57 -3.74
N GLU B 24 3.14 1.28 -3.91
CA GLU B 24 2.49 2.00 -2.82
C GLU B 24 1.51 1.14 -2.03
N GLU B 25 1.40 -0.15 -2.35
CA GLU B 25 0.53 -1.06 -1.60
C GLU B 25 1.24 -1.69 -0.41
N GLU B 26 2.52 -2.03 -0.55
CA GLU B 26 3.27 -2.60 0.56
C GLU B 26 3.52 -1.54 1.62
N VAL B 27 3.23 -1.88 2.87
CA VAL B 27 3.37 -0.94 3.98
C VAL B 27 4.84 -0.75 4.37
#